data_5G57
#
_entry.id   5G57
#
_cell.length_a   116.420
_cell.length_b   115.090
_cell.length_c   68.760
_cell.angle_alpha   90.00
_cell.angle_beta   108.08
_cell.angle_gamma   90.00
#
_symmetry.space_group_name_H-M   'C 1 2 1'
#
loop_
_entity.id
_entity.type
_entity.pdbx_description
1 polymer 'PHOSPHODIESTERASE B1'
2 non-polymer 'ZINC ION'
3 non-polymer 'MAGNESIUM ION'
4 non-polymer 'FORMIC ACID'
5 non-polymer GLYCEROL
6 non-polymer DI(HYDROXYETHYL)ETHER
7 non-polymer GUANIDINE
8 non-polymer (4~{a}~{S},8~{a}~{R})-2-cycloheptyl-4-[4-methoxy-3-[4-[4-(1~{H}-1,2,3,4-tetrazol-5-yl)phenoxy]butoxy]phenyl]-4~{a},5,8,8~{a}-tetrahydrophthalazin-1-one
9 water water
#
_entity_poly.entity_id   1
_entity_poly.type   'polypeptide(L)'
_entity_poly.pdbx_seq_one_letter_code
;GSHMASELNEHRATLFNKNVPSRAVKRVTAITKVEREAVLVCELPSFDVTDVEFDLFRARESTDKPLDVAAAIAYRLLLG
SGLPQKFGCSDEVLLNFILQCRKKYRNVPYHNFYHVVDVCQTIHTFLYRGNVYEKLTELECFVLLITALVHDLDHMGLNN
SFYLKTESPLGILSSASGNTSVLEVHHCNLAVEILSDPESDVFDGLEGAERTLAFRSMIDCVLATDMAKHGSALEAFLAS
AADQSSDEAAFHRMTMEIILKAGDISNVTKPFDISRQWAMAVTEEFYRQGDMEKERGVEVLPMFDRSKNMELAKGQIGFI
DFVAAPFFQKIVDACLQGMQWTVDRIKSNRAQWERVLETR
;
_entity_poly.pdbx_strand_id   A,B
#
# COMPACT_ATOMS: atom_id res chain seq x y z
N VAL A 28 16.04 24.13 34.31
CA VAL A 28 14.88 23.20 34.12
C VAL A 28 14.75 22.22 35.30
N THR A 29 13.52 21.91 35.69
CA THR A 29 13.23 21.03 36.81
C THR A 29 13.51 19.56 36.51
N ALA A 30 14.08 18.84 37.49
CA ALA A 30 14.52 17.45 37.29
C ALA A 30 13.34 16.52 37.03
N ILE A 31 13.57 15.49 36.21
CA ILE A 31 12.54 14.48 35.93
C ILE A 31 12.44 13.57 37.18
N THR A 32 11.21 13.26 37.60
CA THR A 32 10.94 12.44 38.79
C THR A 32 10.95 10.93 38.49
N LYS A 33 11.14 10.14 39.54
CA LYS A 33 11.03 8.68 39.48
C LYS A 33 9.68 8.24 38.92
N VAL A 34 8.63 8.93 39.35
CA VAL A 34 7.26 8.58 38.98
C VAL A 34 7.02 8.81 37.48
N GLU A 35 7.58 9.91 36.99
CA GLU A 35 7.52 10.22 35.55
C GLU A 35 8.22 9.14 34.76
N ARG A 36 9.42 8.75 35.18
CA ARG A 36 10.14 7.66 34.50
C ARG A 36 9.35 6.35 34.53
N GLU A 37 8.75 6.02 35.69
CA GLU A 37 8.06 4.72 35.83
C GLU A 37 6.84 4.59 34.93
N ALA A 38 6.10 5.68 34.74
CA ALA A 38 4.96 5.71 33.82
C ALA A 38 5.35 5.40 32.36
N VAL A 39 6.59 5.67 31.97
CA VAL A 39 7.05 5.25 30.64
C VAL A 39 7.47 3.79 30.69
N LEU A 40 8.19 3.44 31.76
CA LEU A 40 8.80 2.12 31.83
C LEU A 40 7.78 0.96 31.89
N VAL A 41 6.60 1.19 32.43
CA VAL A 41 5.49 0.19 32.37
C VAL A 41 4.93 -0.11 30.97
N CYS A 42 5.08 0.80 30.00
CA CYS A 42 4.54 0.59 28.65
C CYS A 42 5.29 -0.52 27.91
N GLU A 43 4.61 -1.63 27.64
CA GLU A 43 5.27 -2.78 27.05
C GLU A 43 5.19 -2.86 25.52
N LEU A 44 4.31 -2.07 24.91
CA LEU A 44 4.16 -2.02 23.45
C LEU A 44 3.86 -3.39 22.81
N PRO A 45 3.00 -4.21 23.44
CA PRO A 45 2.76 -5.54 22.87
C PRO A 45 2.20 -5.46 21.45
N SER A 46 2.73 -6.28 20.56
CA SER A 46 2.30 -6.39 19.16
C SER A 46 2.85 -5.27 18.22
N PHE A 47 3.86 -4.51 18.66
CA PHE A 47 4.46 -3.45 17.84
C PHE A 47 5.91 -3.81 17.57
N ASP A 48 6.37 -3.59 16.33
CA ASP A 48 7.78 -3.66 16.01
C ASP A 48 8.17 -2.25 15.64
N VAL A 49 8.80 -1.55 16.58
CA VAL A 49 9.20 -0.16 16.38
C VAL A 49 10.27 -0.01 15.30
N THR A 50 10.95 -1.09 14.93
CA THR A 50 11.94 -1.00 13.87
C THR A 50 11.40 -1.12 12.44
N ASP A 51 10.09 -1.36 12.28
CA ASP A 51 9.54 -1.81 10.98
C ASP A 51 9.11 -0.62 10.12
N VAL A 52 9.28 -0.68 8.80
CA VAL A 52 8.86 0.45 7.95
C VAL A 52 7.34 0.68 7.90
N GLU A 53 6.58 -0.34 8.28
CA GLU A 53 5.11 -0.24 8.35
C GLU A 53 4.61 -0.05 9.76
N PHE A 54 5.49 0.22 10.71
CA PHE A 54 5.05 0.61 12.04
C PHE A 54 4.05 1.76 12.02
N ASP A 55 3.01 1.66 12.85
CA ASP A 55 1.89 2.60 12.82
C ASP A 55 1.78 3.35 14.15
N LEU A 56 2.32 4.58 14.20
CA LEU A 56 2.25 5.39 15.42
C LEU A 56 0.83 5.79 15.82
N PHE A 57 -0.05 6.00 14.84
CA PHE A 57 -1.45 6.32 15.15
C PHE A 57 -2.14 5.15 15.92
N ARG A 58 -1.89 3.93 15.47
CA ARG A 58 -2.41 2.72 16.15
C ARG A 58 -1.84 2.59 17.55
N ALA A 59 -0.53 2.85 17.68
CA ALA A 59 0.14 2.91 19.01
C ALA A 59 -0.49 3.91 19.95
N ARG A 60 -0.77 5.12 19.47
CA ARG A 60 -1.43 6.13 20.29
C ARG A 60 -2.87 5.72 20.67
N GLU A 61 -3.58 5.02 19.80
CA GLU A 61 -4.96 4.55 20.13
C GLU A 61 -4.98 3.32 21.06
N SER A 62 -3.83 2.67 21.26
CA SER A 62 -3.77 1.44 22.02
C SER A 62 -3.91 1.61 23.53
N THR A 63 -3.75 2.82 24.06
CA THR A 63 -3.90 3.06 25.50
C THR A 63 -4.44 4.44 25.71
N ASP A 64 -4.80 4.72 26.95
CA ASP A 64 -5.25 6.04 27.32
C ASP A 64 -4.12 6.95 27.78
N LYS A 65 -2.85 6.50 27.71
CA LYS A 65 -1.67 7.38 27.97
C LYS A 65 -0.73 7.44 26.73
N PRO A 66 -1.20 8.02 25.64
CA PRO A 66 -0.43 8.01 24.38
C PRO A 66 0.94 8.76 24.48
N LEU A 67 1.04 9.73 25.37
CA LEU A 67 2.32 10.42 25.59
C LEU A 67 3.36 9.51 26.23
N ASP A 68 2.90 8.55 27.05
CA ASP A 68 3.80 7.58 27.66
C ASP A 68 4.22 6.51 26.68
N VAL A 69 3.27 6.03 25.89
CA VAL A 69 3.58 5.09 24.82
C VAL A 69 4.58 5.72 23.83
N ALA A 70 4.36 6.98 23.48
CA ALA A 70 5.27 7.72 22.53
C ALA A 70 6.70 7.80 23.09
N ALA A 71 6.83 8.18 24.36
CA ALA A 71 8.14 8.20 25.02
C ALA A 71 8.79 6.80 25.11
N ALA A 72 8.00 5.75 25.36
CA ALA A 72 8.51 4.39 25.38
C ALA A 72 8.98 3.90 24.04
N ILE A 73 8.30 4.34 22.98
CA ILE A 73 8.75 4.05 21.60
C ILE A 73 10.14 4.67 21.40
N ALA A 74 10.29 5.91 21.75
CA ALA A 74 11.60 6.62 21.55
C ALA A 74 12.69 5.95 22.37
N TYR A 75 12.37 5.64 23.62
CA TYR A 75 13.30 4.93 24.53
C TYR A 75 13.73 3.56 23.98
N ARG A 76 12.78 2.77 23.50
CA ARG A 76 13.09 1.49 22.89
C ARG A 76 13.93 1.57 21.62
N LEU A 77 13.63 2.55 20.76
CA LEU A 77 14.42 2.76 19.54
C LEU A 77 15.85 3.06 19.91
N LEU A 78 16.03 3.93 20.90
CA LEU A 78 17.41 4.39 21.24
C LEU A 78 18.22 3.27 21.92
N LEU A 79 17.63 2.55 22.86
CA LEU A 79 18.32 1.36 23.46
C LEU A 79 18.55 0.24 22.48
N GLY A 80 17.60 -0.02 21.58
CA GLY A 80 17.74 -1.08 20.60
C GLY A 80 18.86 -0.87 19.63
N SER A 81 19.20 0.41 19.39
CA SER A 81 20.30 0.72 18.49
C SER A 81 21.62 0.26 19.10
N GLY A 82 21.67 0.22 20.43
CA GLY A 82 22.88 -0.14 21.19
C GLY A 82 23.85 1.03 21.29
N LEU A 83 23.45 2.22 20.78
CA LEU A 83 24.36 3.35 20.72
C LEU A 83 24.58 4.13 22.02
N PRO A 84 23.52 4.42 22.79
CA PRO A 84 23.72 5.20 24.02
C PRO A 84 24.71 4.59 24.99
N GLN A 85 24.57 3.28 25.17
CA GLN A 85 25.48 2.42 25.94
C GLN A 85 26.94 2.67 25.53
N LYS A 86 27.21 2.68 24.21
CA LYS A 86 28.54 2.88 23.71
C LYS A 86 29.14 4.22 24.00
N PHE A 87 28.32 5.23 24.26
CA PHE A 87 28.80 6.59 24.45
C PHE A 87 28.61 7.08 25.88
N GLY A 88 28.49 6.14 26.81
CA GLY A 88 28.44 6.47 28.24
C GLY A 88 27.16 7.11 28.68
N CYS A 89 26.07 6.92 27.94
CA CYS A 89 24.77 7.46 28.30
C CYS A 89 23.96 6.35 28.99
N SER A 90 23.67 6.52 30.27
CA SER A 90 22.92 5.51 31.01
C SER A 90 21.47 5.49 30.57
N ASP A 91 20.78 4.39 30.91
CA ASP A 91 19.36 4.25 30.66
C ASP A 91 18.57 5.38 31.30
N GLU A 92 18.95 5.81 32.49
CA GLU A 92 18.20 6.83 33.18
C GLU A 92 18.37 8.24 32.57
N VAL A 93 19.59 8.58 32.20
CA VAL A 93 19.88 9.84 31.55
C VAL A 93 19.11 9.90 30.19
N LEU A 94 19.11 8.81 29.42
CA LEU A 94 18.35 8.74 28.17
C LEU A 94 16.90 9.04 28.37
N LEU A 95 16.31 8.35 29.36
CA LEU A 95 14.90 8.53 29.64
C LEU A 95 14.61 9.92 30.16
N ASN A 96 15.48 10.48 31.00
CA ASN A 96 15.29 11.85 31.44
C ASN A 96 15.29 12.87 30.23
N PHE A 97 16.26 12.70 29.34
CA PHE A 97 16.31 13.52 28.15
C PHE A 97 14.99 13.44 27.35
N ILE A 98 14.52 12.22 27.11
CA ILE A 98 13.26 12.02 26.36
C ILE A 98 12.13 12.81 27.01
N LEU A 99 12.02 12.70 28.34
CA LEU A 99 10.96 13.39 29.08
C LEU A 99 11.11 14.91 29.13
N GLN A 100 12.34 15.42 29.20
CA GLN A 100 12.55 16.86 29.11
C GLN A 100 12.16 17.41 27.69
N CYS A 101 12.44 16.64 26.63
CA CYS A 101 12.00 17.01 25.28
C CYS A 101 10.46 17.03 25.27
N ARG A 102 9.86 15.97 25.84
CA ARG A 102 8.40 15.84 25.79
C ARG A 102 7.70 17.04 26.40
N LYS A 103 8.19 17.50 27.56
CA LYS A 103 7.59 18.67 28.25
C LYS A 103 7.60 19.97 27.45
N LYS A 104 8.50 20.08 26.46
CA LYS A 104 8.57 21.28 25.64
C LYS A 104 7.78 21.21 24.33
N TYR A 105 7.04 20.14 24.08
CA TYR A 105 6.12 20.09 22.92
C TYR A 105 4.74 20.54 23.35
N ARG A 106 4.05 21.21 22.46
CA ARG A 106 2.77 21.82 22.75
C ARG A 106 1.67 20.98 22.16
N ASN A 107 0.45 21.26 22.59
CA ASN A 107 -0.75 20.59 22.09
C ASN A 107 -1.19 21.33 20.83
N VAL A 108 -0.54 21.01 19.70
CA VAL A 108 -0.89 21.55 18.39
C VAL A 108 -1.18 20.33 17.52
N PRO A 109 -1.86 20.52 16.37
CA PRO A 109 -2.30 19.36 15.63
C PRO A 109 -1.18 18.52 14.98
N TYR A 110 -0.11 19.17 14.51
CA TYR A 110 0.96 18.44 13.77
C TYR A 110 2.32 18.46 14.49
N HIS A 111 2.79 19.65 14.84
CA HIS A 111 4.17 19.82 15.43
C HIS A 111 4.17 19.63 16.94
N ASN A 112 3.78 18.44 17.32
CA ASN A 112 3.67 17.99 18.70
C ASN A 112 4.67 16.88 18.93
N PHE A 113 4.66 16.26 20.11
CA PHE A 113 5.62 15.21 20.43
C PHE A 113 5.54 14.00 19.51
N TYR A 114 4.35 13.70 18.98
CA TYR A 114 4.16 12.53 18.14
C TYR A 114 4.91 12.70 16.81
N HIS A 115 4.94 13.93 16.29
CA HIS A 115 5.76 14.22 15.09
C HIS A 115 7.23 13.90 15.28
N VAL A 116 7.80 14.32 16.40
CA VAL A 116 9.25 14.07 16.61
C VAL A 116 9.59 12.63 16.91
N VAL A 117 8.70 11.90 17.59
CA VAL A 117 8.89 10.48 17.78
C VAL A 117 8.79 9.78 16.44
N ASP A 118 7.84 10.23 15.62
CA ASP A 118 7.69 9.66 14.28
C ASP A 118 8.98 9.88 13.48
N VAL A 119 9.53 11.09 13.53
CA VAL A 119 10.80 11.38 12.77
C VAL A 119 11.95 10.49 13.27
N CYS A 120 12.08 10.33 14.60
CA CYS A 120 13.07 9.46 15.20
C CYS A 120 12.94 8.00 14.70
N GLN A 121 11.69 7.46 14.75
CA GLN A 121 11.39 6.11 14.26
C GLN A 121 11.71 5.98 12.79
N THR A 122 11.36 6.99 12.01
CA THR A 122 11.58 6.96 10.57
C THR A 122 13.06 6.97 10.20
N ILE A 123 13.79 7.85 10.87
CA ILE A 123 15.28 7.88 10.74
C ILE A 123 15.91 6.55 11.10
N HIS A 124 15.40 5.91 12.17
CA HIS A 124 15.89 4.60 12.57
C HIS A 124 15.74 3.63 11.38
N THR A 125 14.59 3.65 10.72
CA THR A 125 14.40 2.80 9.52
C THR A 125 15.32 3.17 8.38
N PHE A 126 15.54 4.46 8.14
CA PHE A 126 16.47 4.85 7.05
C PHE A 126 17.90 4.34 7.33
N LEU A 127 18.33 4.52 8.58
CA LEU A 127 19.68 4.06 8.99
C LEU A 127 19.85 2.55 8.89
N TYR A 128 18.87 1.82 9.39
CA TYR A 128 19.04 0.38 9.60
C TYR A 128 18.30 -0.53 8.61
N ARG A 129 17.10 -0.15 8.14
CA ARG A 129 16.46 -0.87 7.03
C ARG A 129 16.99 -0.41 5.70
N GLY A 130 17.35 0.87 5.58
CA GLY A 130 17.89 1.39 4.33
C GLY A 130 19.41 1.42 4.23
N ASN A 131 20.06 0.97 5.30
CA ASN A 131 21.50 0.80 5.39
C ASN A 131 22.30 2.07 5.28
N VAL A 132 21.66 3.21 5.54
CA VAL A 132 22.39 4.47 5.57
C VAL A 132 23.40 4.52 6.74
N TYR A 133 23.24 3.69 7.77
CA TYR A 133 24.23 3.62 8.87
C TYR A 133 25.66 3.37 8.30
N GLU A 134 25.73 2.66 7.17
CA GLU A 134 27.00 2.41 6.51
C GLU A 134 27.78 3.66 6.07
N LYS A 135 27.11 4.79 5.92
CA LYS A 135 27.76 6.04 5.45
C LYS A 135 28.26 6.93 6.62
N LEU A 136 27.89 6.55 7.85
CA LEU A 136 28.06 7.38 9.03
C LEU A 136 28.79 6.60 10.15
N THR A 137 29.41 7.33 11.08
CA THR A 137 30.00 6.72 12.24
C THR A 137 28.85 6.33 13.21
N GLU A 138 29.15 5.53 14.22
CA GLU A 138 28.20 5.21 15.25
C GLU A 138 27.79 6.49 15.96
N LEU A 139 28.74 7.37 16.25
CA LEU A 139 28.36 8.63 16.95
C LEU A 139 27.36 9.46 16.14
N GLU A 140 27.60 9.60 14.85
CA GLU A 140 26.66 10.30 13.98
C GLU A 140 25.26 9.69 13.97
N CYS A 141 25.15 8.35 13.94
CA CYS A 141 23.86 7.67 14.05
C CYS A 141 23.14 8.04 15.36
N PHE A 142 23.89 8.01 16.46
CA PHE A 142 23.36 8.36 17.77
C PHE A 142 22.90 9.81 17.78
N VAL A 143 23.72 10.72 17.22
CA VAL A 143 23.34 12.14 17.18
C VAL A 143 22.03 12.33 16.37
N LEU A 144 21.89 11.62 15.26
CA LEU A 144 20.72 11.80 14.42
C LEU A 144 19.46 11.36 15.12
N LEU A 145 19.51 10.21 15.81
CA LEU A 145 18.34 9.74 16.59
C LEU A 145 17.92 10.70 17.72
N ILE A 146 18.89 11.27 18.45
CA ILE A 146 18.65 12.28 19.47
C ILE A 146 18.11 13.59 18.87
N THR A 147 18.70 14.01 17.74
CA THR A 147 18.36 15.25 17.11
C THR A 147 16.90 15.23 16.67
N ALA A 148 16.45 14.09 16.19
CA ALA A 148 15.04 13.95 15.84
C ALA A 148 14.12 14.43 16.95
N LEU A 149 14.44 14.11 18.20
CA LEU A 149 13.59 14.45 19.32
C LEU A 149 13.64 15.90 19.73
N VAL A 150 14.71 16.65 19.36
CA VAL A 150 14.80 18.09 19.68
C VAL A 150 14.42 19.04 18.53
N HIS A 151 14.22 18.52 17.32
CA HIS A 151 14.29 19.35 16.13
C HIS A 151 13.13 20.34 15.96
N ASP A 152 12.04 20.17 16.69
CA ASP A 152 10.90 21.10 16.67
C ASP A 152 10.46 21.61 18.06
N LEU A 153 11.37 21.63 19.04
CA LEU A 153 11.03 21.98 20.43
C LEU A 153 10.27 23.30 20.50
N ASP A 154 9.14 23.29 21.23
CA ASP A 154 8.33 24.49 21.53
C ASP A 154 7.69 25.11 20.29
N HIS A 155 7.46 24.31 19.23
CA HIS A 155 6.76 24.77 18.06
C HIS A 155 5.34 25.13 18.50
N MET A 156 4.83 26.25 17.99
CA MET A 156 3.48 26.73 18.36
C MET A 156 2.45 26.58 17.24
N GLY A 157 2.76 25.78 16.24
CA GLY A 157 1.92 25.63 15.04
C GLY A 157 1.85 26.75 14.04
N LEU A 158 2.85 27.64 14.07
CA LEU A 158 2.99 28.78 13.18
C LEU A 158 4.37 28.69 12.55
N ASN A 159 4.44 28.95 11.26
CA ASN A 159 5.71 28.87 10.52
C ASN A 159 6.55 30.14 10.61
N ASN A 160 7.75 30.12 10.03
CA ASN A 160 8.64 31.28 10.13
C ASN A 160 8.01 32.56 9.54
N SER A 161 7.34 32.39 8.41
CA SER A 161 6.66 33.48 7.76
C SER A 161 5.68 34.23 8.66
N PHE A 162 4.92 33.51 9.44
CA PHE A 162 3.99 34.12 10.37
C PHE A 162 4.68 35.17 11.30
N TYR A 163 5.82 34.77 11.88
CA TYR A 163 6.53 35.65 12.81
C TYR A 163 7.07 36.89 12.11
N LEU A 164 7.54 36.74 10.88
CA LEU A 164 8.07 37.87 10.14
C LEU A 164 6.96 38.83 9.63
N LYS A 165 5.86 38.27 9.11
CA LYS A 165 4.76 39.08 8.59
C LYS A 165 4.05 39.88 9.66
N THR A 166 3.88 39.30 10.84
CA THR A 166 3.19 39.97 11.92
C THR A 166 4.13 40.88 12.74
N GLU A 167 5.43 40.94 12.41
CA GLU A 167 6.44 41.66 13.21
C GLU A 167 6.30 41.27 14.67
N SER A 168 6.21 39.96 14.95
CA SER A 168 6.16 39.50 16.32
C SER A 168 7.56 39.78 16.94
N PRO A 169 7.67 39.79 18.27
CA PRO A 169 8.98 40.02 18.92
C PRO A 169 10.07 39.04 18.45
N LEU A 170 9.71 37.78 18.30
CA LEU A 170 10.70 36.78 17.88
C LEU A 170 11.16 37.00 16.43
N GLY A 171 10.23 37.41 15.56
CA GLY A 171 10.54 37.83 14.22
C GLY A 171 11.44 39.04 14.12
N ILE A 172 11.16 40.04 14.96
CA ILE A 172 12.00 41.25 14.98
C ILE A 172 13.42 40.84 15.38
N LEU A 173 13.54 40.02 16.43
CA LEU A 173 14.85 39.54 16.90
C LEU A 173 15.62 38.80 15.81
N SER A 174 14.92 37.89 15.10
CA SER A 174 15.54 37.17 13.99
C SER A 174 16.05 38.11 12.89
N SER A 175 15.22 39.03 12.44
CA SER A 175 15.63 40.02 11.43
C SER A 175 16.82 40.85 11.93
N ALA A 176 16.71 41.39 13.15
CA ALA A 176 17.79 42.22 13.73
C ALA A 176 19.11 41.47 13.83
N SER A 177 19.07 40.18 14.23
CA SER A 177 20.30 39.41 14.43
C SER A 177 20.81 38.74 13.17
N GLY A 178 20.07 38.88 12.07
CA GLY A 178 20.51 38.44 10.76
C GLY A 178 20.24 36.99 10.40
N ASN A 179 19.34 36.29 11.10
CA ASN A 179 19.00 34.91 10.73
C ASN A 179 17.49 34.76 10.64
N THR A 180 16.99 34.48 9.44
CA THR A 180 15.56 34.31 9.19
C THR A 180 14.96 32.96 9.59
N SER A 181 15.78 32.02 10.04
CA SER A 181 15.23 30.71 10.49
C SER A 181 14.76 30.85 11.93
N VAL A 182 13.64 31.54 12.07
CA VAL A 182 13.13 31.95 13.38
C VAL A 182 12.96 30.77 14.31
N LEU A 183 12.22 29.77 13.85
CA LEU A 183 11.91 28.63 14.69
C LEU A 183 13.14 27.73 14.94
N GLU A 184 13.93 27.52 13.90
CA GLU A 184 15.01 26.54 13.97
C GLU A 184 16.08 27.01 14.94
N VAL A 185 16.38 28.31 14.95
CA VAL A 185 17.28 28.84 15.99
C VAL A 185 16.70 28.66 17.41
N HIS A 186 15.40 28.90 17.55
CA HIS A 186 14.69 28.70 18.81
C HIS A 186 14.78 27.25 19.29
N HIS A 187 14.54 26.29 18.39
CA HIS A 187 14.64 24.88 18.72
C HIS A 187 16.05 24.56 19.23
N CYS A 188 17.08 25.07 18.56
CA CYS A 188 18.46 24.82 18.98
C CYS A 188 18.74 25.38 20.38
N ASN A 189 18.28 26.60 20.64
CA ASN A 189 18.40 27.15 21.98
C ASN A 189 17.85 26.28 23.09
N LEU A 190 16.68 25.68 22.84
CA LEU A 190 16.08 24.86 23.85
C LEU A 190 16.76 23.51 23.97
N ALA A 191 17.31 23.00 22.87
CA ALA A 191 18.05 21.76 22.92
C ALA A 191 19.28 21.95 23.81
N VAL A 192 20.00 23.05 23.59
CA VAL A 192 21.22 23.36 24.35
C VAL A 192 20.90 23.45 25.86
N GLU A 193 19.76 24.06 26.19
CA GLU A 193 19.28 24.17 27.57
C GLU A 193 19.08 22.79 28.23
N ILE A 194 18.40 21.88 27.53
CA ILE A 194 18.20 20.52 28.05
C ILE A 194 19.53 19.82 28.29
N LEU A 195 20.44 19.98 27.33
CA LEU A 195 21.70 19.31 27.43
C LEU A 195 22.68 19.96 28.43
N SER A 196 22.36 21.11 28.97
CA SER A 196 23.29 21.83 29.90
C SER A 196 23.24 21.22 31.34
N ASP A 197 22.28 20.33 31.59
CA ASP A 197 22.13 19.61 32.86
C ASP A 197 22.63 18.19 32.63
N PRO A 198 23.65 17.75 33.39
CA PRO A 198 24.15 16.37 33.28
C PRO A 198 23.08 15.29 33.39
N GLU A 199 22.04 15.51 34.18
CA GLU A 199 21.01 14.46 34.38
C GLU A 199 20.18 14.20 33.10
N SER A 200 20.22 15.13 32.13
CA SER A 200 19.53 14.93 30.83
C SER A 200 20.46 15.16 29.63
N ASP A 201 21.77 15.11 29.87
CA ASP A 201 22.73 15.26 28.78
C ASP A 201 23.19 13.92 28.23
N VAL A 202 22.55 13.49 27.13
CA VAL A 202 22.90 12.22 26.46
C VAL A 202 24.31 12.25 25.83
N PHE A 203 24.93 13.42 25.76
CA PHE A 203 26.33 13.57 25.31
C PHE A 203 27.36 13.76 26.45
N ASP A 204 26.92 13.58 27.70
CA ASP A 204 27.81 13.80 28.87
C ASP A 204 28.99 12.80 28.89
N GLY A 205 28.83 11.65 28.23
CA GLY A 205 29.95 10.71 28.12
C GLY A 205 31.03 11.06 27.12
N LEU A 206 30.81 12.13 26.37
CA LEU A 206 31.78 12.59 25.36
C LEU A 206 32.59 13.78 25.86
N GLU A 207 33.74 13.98 25.24
CA GLU A 207 34.58 15.11 25.54
C GLU A 207 35.38 15.50 24.34
N GLY A 208 36.01 16.67 24.41
CA GLY A 208 36.88 17.13 23.35
C GLY A 208 36.13 17.17 22.00
N ALA A 209 36.82 16.73 20.97
CA ALA A 209 36.31 16.85 19.60
C ALA A 209 35.02 16.05 19.36
N GLU A 210 34.86 14.93 20.03
CA GLU A 210 33.66 14.14 19.90
C GLU A 210 32.46 14.91 20.42
N ARG A 211 32.63 15.54 21.56
CA ARG A 211 31.54 16.34 22.13
C ARG A 211 31.18 17.52 21.23
N THR A 212 32.19 18.18 20.73
CA THR A 212 31.99 19.29 19.85
C THR A 212 31.25 18.87 18.59
N LEU A 213 31.65 17.76 18.01
CA LEU A 213 30.99 17.22 16.82
C LEU A 213 29.53 16.90 17.09
N ALA A 214 29.23 16.31 18.25
CA ALA A 214 27.88 15.98 18.61
C ALA A 214 27.00 17.24 18.61
N PHE A 215 27.46 18.31 19.29
CA PHE A 215 26.66 19.53 19.37
C PHE A 215 26.57 20.22 18.00
N ARG A 216 27.68 20.35 17.30
CA ARG A 216 27.68 21.07 16.03
C ARG A 216 26.82 20.36 15.00
N SER A 217 26.93 19.02 14.93
CA SER A 217 26.17 18.24 13.96
C SER A 217 24.68 18.28 14.31
N MET A 218 24.32 18.21 15.59
CA MET A 218 22.94 18.36 15.96
C MET A 218 22.39 19.72 15.52
N ILE A 219 23.11 20.80 15.85
CA ILE A 219 22.65 22.15 15.49
C ILE A 219 22.58 22.36 13.94
N ASP A 220 23.62 21.94 13.22
CA ASP A 220 23.63 22.04 11.76
C ASP A 220 22.38 21.31 11.18
N CYS A 221 22.08 20.13 11.68
CA CYS A 221 20.92 19.39 11.18
C CYS A 221 19.58 20.12 11.45
N VAL A 222 19.39 20.59 12.67
CA VAL A 222 18.20 21.35 13.01
C VAL A 222 18.08 22.60 12.13
N LEU A 223 19.18 23.35 11.93
CA LEU A 223 19.13 24.53 11.08
C LEU A 223 18.76 24.18 9.61
N ALA A 224 19.22 23.02 9.14
CA ALA A 224 18.89 22.57 7.80
C ALA A 224 17.43 22.13 7.56
N THR A 225 16.61 22.02 8.60
CA THR A 225 15.20 21.64 8.42
C THR A 225 14.32 22.82 7.98
N ASP A 226 14.85 24.04 7.94
CA ASP A 226 14.08 25.17 7.40
C ASP A 226 13.83 24.95 5.90
N MET A 227 12.57 24.77 5.52
CA MET A 227 12.23 24.50 4.11
C MET A 227 12.59 25.60 3.10
N ALA A 228 12.87 26.81 3.56
CA ALA A 228 13.41 27.87 2.69
C ALA A 228 14.80 27.50 2.18
N LYS A 229 15.50 26.59 2.87
CA LYS A 229 16.82 26.11 2.46
C LYS A 229 16.77 24.74 1.75
N HIS A 230 15.58 24.27 1.41
CA HIS A 230 15.40 22.91 0.86
C HIS A 230 16.27 22.68 -0.39
N GLY A 231 16.08 23.52 -1.41
CA GLY A 231 16.76 23.32 -2.69
C GLY A 231 18.27 23.39 -2.55
N SER A 232 18.78 24.34 -1.76
CA SER A 232 20.22 24.49 -1.61
C SER A 232 20.85 23.35 -0.78
N ALA A 233 20.17 22.88 0.27
CA ALA A 233 20.64 21.72 1.03
C ALA A 233 20.69 20.44 0.15
N LEU A 234 19.66 20.21 -0.64
CA LEU A 234 19.63 19.07 -1.55
C LEU A 234 20.73 19.16 -2.60
N GLU A 235 20.87 20.32 -3.23
CA GLU A 235 21.92 20.51 -4.26
C GLU A 235 23.32 20.29 -3.71
N ALA A 236 23.61 20.80 -2.51
CA ALA A 236 24.92 20.60 -1.88
C ALA A 236 25.19 19.12 -1.63
N PHE A 237 24.22 18.41 -1.06
CA PHE A 237 24.39 16.98 -0.86
C PHE A 237 24.67 16.23 -2.13
N LEU A 238 23.87 16.48 -3.15
CA LEU A 238 24.02 15.80 -4.45
C LEU A 238 25.39 16.06 -5.10
N ALA A 239 25.88 17.28 -5.00
CA ALA A 239 27.19 17.64 -5.55
C ALA A 239 28.31 16.97 -4.77
N SER A 240 28.16 16.85 -3.45
CA SER A 240 29.14 16.13 -2.66
C SER A 240 29.10 14.63 -2.97
N ALA A 241 27.90 14.03 -3.06
CA ALA A 241 27.79 12.59 -3.39
C ALA A 241 28.40 12.23 -4.73
N ALA A 242 28.28 13.12 -5.71
CA ALA A 242 28.85 12.89 -7.05
C ALA A 242 30.36 13.09 -7.15
N ASP A 243 30.97 13.68 -6.14
CA ASP A 243 32.37 14.06 -6.15
C ASP A 243 33.16 13.07 -5.33
N GLN A 244 33.91 12.19 -5.99
CA GLN A 244 34.76 11.23 -5.23
C GLN A 244 35.84 11.90 -4.36
N SER A 245 36.19 13.16 -4.65
CA SER A 245 37.11 13.93 -3.82
C SER A 245 36.45 14.91 -2.85
N SER A 246 35.17 14.71 -2.55
CA SER A 246 34.52 15.55 -1.56
C SER A 246 35.23 15.40 -0.22
N ASP A 247 35.34 16.50 0.52
CA ASP A 247 35.81 16.43 1.90
C ASP A 247 34.92 15.43 2.67
N GLU A 248 35.56 14.50 3.35
CA GLU A 248 34.87 13.38 4.06
C GLU A 248 33.98 13.89 5.20
N ALA A 249 34.52 14.73 6.08
CA ALA A 249 33.75 15.36 7.16
C ALA A 249 32.55 16.15 6.60
N ALA A 250 32.75 16.96 5.55
CA ALA A 250 31.63 17.63 4.92
C ALA A 250 30.55 16.69 4.37
N PHE A 251 30.95 15.60 3.68
CA PHE A 251 29.99 14.60 3.18
C PHE A 251 29.19 13.97 4.32
N HIS A 252 29.86 13.64 5.42
CA HIS A 252 29.18 13.05 6.57
C HIS A 252 28.13 14.02 7.09
N ARG A 253 28.54 15.27 7.27
CA ARG A 253 27.62 16.30 7.78
C ARG A 253 26.40 16.50 6.90
N MET A 254 26.62 16.59 5.58
CA MET A 254 25.51 16.73 4.65
C MET A 254 24.58 15.53 4.61
N THR A 255 25.16 14.34 4.75
CA THR A 255 24.40 13.11 4.86
C THR A 255 23.48 13.16 6.10
N MET A 256 24.03 13.60 7.24
CA MET A 256 23.16 13.78 8.40
C MET A 256 22.01 14.77 8.14
N GLU A 257 22.33 15.90 7.53
CA GLU A 257 21.35 16.94 7.27
C GLU A 257 20.24 16.40 6.37
N ILE A 258 20.66 15.68 5.38
CA ILE A 258 19.75 15.12 4.41
C ILE A 258 18.83 14.06 5.04
N ILE A 259 19.36 13.29 5.97
CA ILE A 259 18.56 12.25 6.63
C ILE A 259 17.53 12.88 7.55
N LEU A 260 17.90 13.93 8.26
CA LEU A 260 16.91 14.59 9.10
C LEU A 260 15.84 15.25 8.23
N LYS A 261 16.25 15.87 7.14
CA LYS A 261 15.28 16.45 6.22
C LYS A 261 14.36 15.33 5.69
N ALA A 262 14.94 14.22 5.28
CA ALA A 262 14.18 13.08 4.77
C ALA A 262 13.10 12.64 5.79
N GLY A 263 13.49 12.54 7.06
CA GLY A 263 12.55 12.17 8.10
C GLY A 263 11.43 13.20 8.23
N ASP A 264 11.79 14.45 8.14
CA ASP A 264 10.84 15.51 8.29
C ASP A 264 9.81 15.56 7.13
N ILE A 265 10.15 15.14 5.92
CA ILE A 265 9.16 15.05 4.79
C ILE A 265 8.78 13.60 4.40
N SER A 266 8.88 12.68 5.37
CA SER A 266 8.69 11.27 5.16
C SER A 266 7.20 10.81 5.25
N ASN A 267 6.28 11.72 5.55
CA ASN A 267 4.89 11.29 5.80
C ASN A 267 4.31 10.57 4.54
N VAL A 268 4.71 11.04 3.35
CA VAL A 268 4.28 10.49 2.05
C VAL A 268 4.94 9.19 1.67
N THR A 269 5.91 8.75 2.47
CA THR A 269 6.60 7.49 2.22
C THR A 269 5.99 6.35 3.05
N LYS A 270 4.93 6.63 3.79
CA LYS A 270 4.32 5.64 4.70
C LYS A 270 3.09 5.00 4.03
N PRO A 271 2.65 3.84 4.56
CA PRO A 271 1.37 3.28 4.05
C PRO A 271 0.27 4.33 4.00
N PHE A 272 -0.55 4.26 2.95
CA PHE A 272 -1.51 5.32 2.64
C PHE A 272 -2.30 5.82 3.83
N ASP A 273 -2.89 4.93 4.63
CA ASP A 273 -3.74 5.43 5.74
C ASP A 273 -2.95 6.21 6.80
N ILE A 274 -1.69 5.81 7.03
CA ILE A 274 -0.81 6.60 7.92
C ILE A 274 -0.53 8.00 7.31
N SER A 275 -0.17 7.98 6.03
CA SER A 275 0.12 9.21 5.25
C SER A 275 -1.07 10.17 5.28
N ARG A 276 -2.28 9.63 5.09
CA ARG A 276 -3.48 10.44 5.13
C ARG A 276 -3.74 11.08 6.48
N GLN A 277 -3.53 10.33 7.55
CA GLN A 277 -3.68 10.89 8.90
C GLN A 277 -2.67 12.05 9.19
N TRP A 278 -1.43 11.91 8.73
CA TRP A 278 -0.48 13.02 8.86
C TRP A 278 -0.98 14.23 8.04
N ALA A 279 -1.44 13.99 6.81
CA ALA A 279 -1.94 15.05 5.94
C ALA A 279 -3.10 15.79 6.58
N MET A 280 -4.01 15.09 7.25
CA MET A 280 -5.11 15.77 7.99
C MET A 280 -4.63 16.68 9.11
N ALA A 281 -3.67 16.20 9.90
CA ALA A 281 -3.11 16.94 11.05
C ALA A 281 -2.40 18.20 10.52
N VAL A 282 -1.62 18.06 9.46
CA VAL A 282 -0.86 19.25 8.96
C VAL A 282 -1.80 20.31 8.35
N THR A 283 -2.84 19.85 7.64
CA THR A 283 -3.86 20.75 7.10
C THR A 283 -4.56 21.53 8.20
N GLU A 284 -4.95 20.86 9.27
CA GLU A 284 -5.60 21.56 10.36
C GLU A 284 -4.68 22.58 11.01
N GLU A 285 -3.41 22.22 11.20
CA GLU A 285 -2.45 23.18 11.73
C GLU A 285 -2.29 24.38 10.82
N PHE A 286 -2.19 24.16 9.50
CA PHE A 286 -2.10 25.28 8.54
C PHE A 286 -3.34 26.19 8.56
N TYR A 287 -4.53 25.57 8.64
CA TYR A 287 -5.78 26.34 8.70
C TYR A 287 -5.88 27.21 9.96
N ARG A 288 -5.42 26.67 11.08
CA ARG A 288 -5.35 27.47 12.31
C ARG A 288 -4.42 28.67 12.16
N GLN A 289 -3.30 28.50 11.45
CA GLN A 289 -2.42 29.65 11.19
C GLN A 289 -3.14 30.69 10.35
N GLY A 290 -3.75 30.25 9.25
CA GLY A 290 -4.53 31.15 8.39
C GLY A 290 -5.67 31.90 9.09
N ASP A 291 -6.36 31.24 10.00
CA ASP A 291 -7.37 31.89 10.83
C ASP A 291 -6.78 33.03 11.69
N MET A 292 -5.63 32.80 12.30
CA MET A 292 -4.95 33.86 13.06
C MET A 292 -4.42 34.95 12.16
N GLU A 293 -3.98 34.61 10.97
CA GLU A 293 -3.46 35.63 10.05
C GLU A 293 -4.56 36.59 9.57
N LYS A 294 -5.78 36.04 9.39
CA LYS A 294 -6.95 36.83 8.96
C LYS A 294 -7.27 37.87 10.00
N GLU A 295 -7.37 37.41 11.24
CA GLU A 295 -7.61 38.25 12.40
C GLU A 295 -6.58 39.38 12.57
N ARG A 296 -5.32 39.14 12.22
CA ARG A 296 -4.29 40.19 12.26
C ARG A 296 -4.18 41.02 10.98
N GLY A 297 -5.00 40.72 9.98
CA GLY A 297 -4.93 41.42 8.72
C GLY A 297 -3.62 41.26 7.98
N VAL A 298 -2.99 40.09 8.06
CA VAL A 298 -1.79 39.83 7.22
C VAL A 298 -2.14 38.84 6.14
N GLU A 299 -1.30 38.74 5.12
CA GLU A 299 -1.52 37.83 3.98
C GLU A 299 -1.74 36.36 4.37
N VAL A 300 -2.78 35.74 3.79
CA VAL A 300 -3.10 34.32 4.03
C VAL A 300 -2.93 33.58 2.72
N LEU A 301 -1.93 32.69 2.63
CA LEU A 301 -1.70 31.96 1.39
C LEU A 301 -2.81 30.92 1.22
N PRO A 302 -3.15 30.56 -0.04
CA PRO A 302 -4.28 29.64 -0.29
C PRO A 302 -4.25 28.35 0.52
N MET A 303 -3.09 27.73 0.60
CA MET A 303 -2.83 26.52 1.39
C MET A 303 -3.22 26.62 2.88
N PHE A 304 -3.29 27.84 3.42
CA PHE A 304 -3.64 28.08 4.83
C PHE A 304 -5.06 28.60 5.03
N ASP A 305 -5.82 28.70 3.94
CA ASP A 305 -7.13 29.33 3.95
C ASP A 305 -8.29 28.31 3.95
N ARG A 306 -8.97 28.17 5.08
CA ARG A 306 -10.11 27.25 5.22
C ARG A 306 -11.17 27.44 4.15
N SER A 307 -11.49 28.70 3.87
CA SER A 307 -12.58 29.02 2.98
C SER A 307 -12.25 28.67 1.52
N LYS A 308 -10.98 28.45 1.18
CA LYS A 308 -10.64 27.95 -0.16
C LYS A 308 -11.03 26.48 -0.41
N ASN A 309 -11.37 25.73 0.65
CA ASN A 309 -11.91 24.35 0.54
C ASN A 309 -11.01 23.31 -0.16
N MET A 310 -9.72 23.60 -0.31
CA MET A 310 -8.81 22.83 -1.18
C MET A 310 -8.81 21.33 -0.83
N GLU A 311 -8.88 20.45 -1.84
CA GLU A 311 -9.06 19.02 -1.56
C GLU A 311 -7.74 18.41 -1.07
N LEU A 312 -7.82 17.57 -0.05
CA LEU A 312 -6.66 16.82 0.50
C LEU A 312 -5.85 16.11 -0.61
N ALA A 313 -6.54 15.34 -1.48
CA ALA A 313 -5.88 14.60 -2.56
C ALA A 313 -5.03 15.47 -3.46
N LYS A 314 -5.57 16.60 -3.89
CA LYS A 314 -4.83 17.50 -4.80
C LYS A 314 -3.57 18.07 -4.11
N GLY A 315 -3.70 18.41 -2.84
CA GLY A 315 -2.60 18.92 -2.04
C GLY A 315 -1.51 17.89 -1.86
N GLN A 316 -1.87 16.63 -1.62
CA GLN A 316 -0.87 15.57 -1.49
C GLN A 316 -0.18 15.26 -2.79
N ILE A 317 -0.94 15.18 -3.88
CA ILE A 317 -0.33 14.99 -5.20
C ILE A 317 0.67 16.11 -5.53
N GLY A 318 0.32 17.34 -5.21
CA GLY A 318 1.19 18.48 -5.44
C GLY A 318 2.46 18.38 -4.59
N PHE A 319 2.33 18.02 -3.33
CA PHE A 319 3.50 17.89 -2.42
C PHE A 319 4.41 16.75 -2.91
N ILE A 320 3.79 15.66 -3.34
CA ILE A 320 4.49 14.56 -3.98
C ILE A 320 5.25 15.00 -5.21
N ASP A 321 4.56 15.62 -6.16
CA ASP A 321 5.16 15.92 -7.45
C ASP A 321 6.28 16.96 -7.39
N PHE A 322 6.11 17.95 -6.55
CA PHE A 322 7.00 19.12 -6.55
C PHE A 322 8.05 19.10 -5.43
N VAL A 323 7.78 18.39 -4.34
CA VAL A 323 8.75 18.30 -3.21
C VAL A 323 9.28 16.89 -3.00
N ALA A 324 8.40 15.97 -2.58
CA ALA A 324 8.86 14.68 -2.07
C ALA A 324 9.37 13.69 -3.10
N ALA A 325 8.67 13.51 -4.22
CA ALA A 325 9.14 12.50 -5.19
C ALA A 325 10.53 12.87 -5.74
N PRO A 326 10.74 14.12 -6.14
CA PRO A 326 12.08 14.44 -6.65
C PRO A 326 13.19 14.32 -5.57
N PHE A 327 12.87 14.72 -4.35
CA PHE A 327 13.87 14.63 -3.25
C PHE A 327 14.29 13.19 -3.01
N PHE A 328 13.33 12.30 -2.80
CA PHE A 328 13.65 10.92 -2.54
C PHE A 328 14.29 10.23 -3.74
N GLN A 329 13.80 10.49 -4.96
CA GLN A 329 14.44 9.86 -6.13
C GLN A 329 15.89 10.29 -6.28
N LYS A 330 16.13 11.59 -6.14
CA LYS A 330 17.50 12.13 -6.29
C LYS A 330 18.48 11.58 -5.25
N ILE A 331 18.07 11.51 -3.97
CA ILE A 331 19.01 11.02 -2.95
C ILE A 331 19.24 9.52 -3.07
N VAL A 332 18.19 8.77 -3.42
CA VAL A 332 18.34 7.34 -3.60
C VAL A 332 19.27 7.08 -4.79
N ASP A 333 19.04 7.78 -5.89
CA ASP A 333 19.87 7.56 -7.09
C ASP A 333 21.32 8.00 -6.89
N ALA A 334 21.53 9.09 -6.14
CA ALA A 334 22.88 9.64 -5.92
C ALA A 334 23.76 8.77 -5.02
N CYS A 335 23.17 8.03 -4.10
CA CYS A 335 23.92 7.54 -2.98
C CYS A 335 23.16 6.51 -2.11
N LEU A 336 21.90 6.78 -1.81
CA LEU A 336 21.18 6.05 -0.75
C LEU A 336 20.26 4.97 -1.35
N GLN A 337 20.90 4.02 -2.06
CA GLN A 337 20.19 2.96 -2.81
C GLN A 337 19.29 2.10 -1.95
N GLY A 338 19.68 1.89 -0.70
CA GLY A 338 18.89 1.07 0.20
C GLY A 338 17.54 1.67 0.58
N MET A 339 17.33 2.96 0.32
CA MET A 339 16.07 3.65 0.63
C MET A 339 15.10 3.64 -0.60
N GLN A 340 15.33 2.74 -1.55
CA GLN A 340 14.44 2.64 -2.74
C GLN A 340 12.99 2.52 -2.35
N TRP A 341 12.68 1.83 -1.25
CA TRP A 341 11.27 1.65 -0.87
C TRP A 341 10.51 2.96 -0.69
N THR A 342 11.20 4.04 -0.32
CA THR A 342 10.52 5.33 -0.16
C THR A 342 9.93 5.81 -1.49
N VAL A 343 10.72 5.70 -2.55
CA VAL A 343 10.34 6.12 -3.89
C VAL A 343 9.14 5.27 -4.32
N ASP A 344 9.18 3.98 -4.01
CA ASP A 344 8.12 3.01 -4.43
C ASP A 344 6.82 3.36 -3.73
N ARG A 345 6.89 3.65 -2.42
CA ARG A 345 5.70 3.98 -1.66
C ARG A 345 5.11 5.34 -2.05
N ILE A 346 5.96 6.33 -2.34
CA ILE A 346 5.46 7.59 -2.86
C ILE A 346 4.66 7.35 -4.14
N LYS A 347 5.20 6.51 -5.00
CA LYS A 347 4.53 6.23 -6.27
C LYS A 347 3.17 5.57 -6.05
N SER A 348 3.12 4.63 -5.11
CA SER A 348 1.88 3.92 -4.72
C SER A 348 0.87 4.87 -4.08
N ASN A 349 1.34 5.73 -3.18
CA ASN A 349 0.44 6.75 -2.61
C ASN A 349 -0.08 7.73 -3.62
N ARG A 350 0.75 8.18 -4.57
CA ARG A 350 0.28 9.08 -5.61
C ARG A 350 -0.86 8.38 -6.42
N ALA A 351 -0.65 7.14 -6.79
CA ALA A 351 -1.67 6.37 -7.55
C ALA A 351 -2.95 6.21 -6.74
N GLN A 352 -2.84 6.05 -5.43
CA GLN A 352 -4.04 5.92 -4.60
C GLN A 352 -4.81 7.26 -4.51
N TRP A 353 -4.08 8.37 -4.39
CA TRP A 353 -4.75 9.70 -4.40
C TRP A 353 -5.42 9.95 -5.75
N GLU A 354 -4.78 9.50 -6.84
CA GLU A 354 -5.38 9.61 -8.16
C GLU A 354 -6.71 8.80 -8.27
N ARG A 355 -6.79 7.65 -7.61
CA ARG A 355 -8.04 6.85 -7.49
C ARG A 355 -9.11 7.55 -6.68
N VAL A 356 -8.73 8.26 -5.64
CA VAL A 356 -9.65 9.16 -4.93
C VAL A 356 -10.24 10.22 -5.86
N LEU A 357 -9.42 10.86 -6.68
CA LEU A 357 -9.92 11.79 -7.64
C LEU A 357 -10.77 11.10 -8.72
N GLU A 358 -10.32 9.95 -9.22
CA GLU A 358 -11.02 9.28 -10.32
C GLU A 358 -12.45 8.92 -9.92
N THR A 359 -12.66 8.56 -8.65
CA THR A 359 -13.96 8.08 -8.17
C THR A 359 -14.83 9.15 -7.53
N ARG A 360 -14.32 10.38 -7.41
CA ARG A 360 -15.13 11.42 -6.80
C ARG A 360 -16.30 11.83 -7.71
N VAL B 28 -7.86 -0.11 -28.47
CA VAL B 28 -7.66 0.84 -29.61
C VAL B 28 -6.19 0.81 -30.11
N THR B 29 -5.21 0.99 -29.23
CA THR B 29 -3.79 0.97 -29.63
C THR B 29 -3.30 -0.45 -29.87
N ALA B 30 -2.61 -0.68 -30.99
CA ALA B 30 -2.28 -2.03 -31.42
C ALA B 30 -1.12 -2.61 -30.64
N ILE B 31 -1.13 -3.93 -30.44
CA ILE B 31 -0.04 -4.63 -29.78
C ILE B 31 1.13 -4.69 -30.78
N THR B 32 2.35 -4.46 -30.31
CA THR B 32 3.56 -4.49 -31.17
C THR B 32 4.32 -5.81 -31.11
N LYS B 33 5.07 -6.06 -32.19
CA LYS B 33 5.96 -7.23 -32.32
C LYS B 33 6.89 -7.40 -31.13
N VAL B 34 7.39 -6.28 -30.61
CA VAL B 34 8.27 -6.27 -29.44
C VAL B 34 7.53 -6.77 -28.16
N GLU B 35 6.31 -6.28 -27.94
CA GLU B 35 5.43 -6.76 -26.85
C GLU B 35 5.16 -8.27 -26.97
N ARG B 36 4.87 -8.74 -28.19
CA ARG B 36 4.68 -10.18 -28.41
C ARG B 36 5.93 -11.02 -28.11
N GLU B 37 7.09 -10.55 -28.59
CA GLU B 37 8.36 -11.29 -28.43
C GLU B 37 8.74 -11.50 -26.98
N ALA B 38 8.57 -10.44 -26.18
CA ALA B 38 8.79 -10.49 -24.73
C ALA B 38 8.01 -11.61 -24.01
N VAL B 39 6.83 -11.94 -24.51
CA VAL B 39 6.08 -13.08 -24.00
C VAL B 39 6.64 -14.37 -24.58
N LEU B 40 6.85 -14.39 -25.91
CA LEU B 40 7.26 -15.61 -26.62
C LEU B 40 8.60 -16.21 -26.17
N VAL B 41 9.50 -15.36 -25.69
CA VAL B 41 10.80 -15.82 -25.17
C VAL B 41 10.69 -16.49 -23.79
N CYS B 42 9.59 -16.29 -23.05
CA CYS B 42 9.40 -17.00 -21.79
C CYS B 42 9.05 -18.44 -22.09
N GLU B 43 10.06 -19.30 -22.06
CA GLU B 43 9.85 -20.72 -21.83
C GLU B 43 9.60 -20.76 -20.34
N LEU B 44 8.91 -21.77 -19.84
CA LEU B 44 8.47 -21.75 -18.45
C LEU B 44 9.09 -22.95 -17.76
N PRO B 45 10.43 -22.92 -17.62
CA PRO B 45 11.13 -24.14 -17.23
C PRO B 45 10.75 -24.54 -15.81
N SER B 46 10.46 -25.83 -15.63
CA SER B 46 10.05 -26.41 -14.34
C SER B 46 8.56 -26.29 -13.98
N PHE B 47 7.72 -25.69 -14.84
CA PHE B 47 6.30 -25.51 -14.50
C PHE B 47 5.44 -26.42 -15.35
N ASP B 48 4.45 -27.07 -14.71
CA ASP B 48 3.38 -27.71 -15.48
C ASP B 48 2.11 -26.88 -15.24
N VAL B 49 1.77 -26.04 -16.21
CA VAL B 49 0.60 -25.16 -16.12
C VAL B 49 -0.74 -25.92 -16.05
N THR B 50 -0.77 -27.21 -16.40
CA THR B 50 -2.01 -28.01 -16.32
C THR B 50 -2.26 -28.65 -14.97
N ASP B 51 -1.30 -28.54 -14.04
CA ASP B 51 -1.37 -29.31 -12.78
C ASP B 51 -2.14 -28.58 -11.69
N VAL B 52 -2.90 -29.30 -10.87
CA VAL B 52 -3.64 -28.69 -9.77
C VAL B 52 -2.76 -28.07 -8.69
N GLU B 53 -1.49 -28.47 -8.62
CA GLU B 53 -0.57 -27.88 -7.65
C GLU B 53 0.35 -26.81 -8.23
N PHE B 54 0.15 -26.44 -9.50
CA PHE B 54 0.85 -25.31 -10.11
C PHE B 54 0.82 -24.07 -9.22
N ASP B 55 1.99 -23.42 -9.08
CA ASP B 55 2.20 -22.31 -8.14
C ASP B 55 2.52 -21.01 -8.88
N LEU B 56 1.48 -20.17 -9.05
CA LEU B 56 1.65 -18.92 -9.78
C LEU B 56 2.59 -17.95 -9.04
N PHE B 57 2.55 -17.96 -7.73
CA PHE B 57 3.47 -17.11 -6.93
C PHE B 57 4.93 -17.44 -7.23
N ARG B 58 5.25 -18.73 -7.30
CA ARG B 58 6.58 -19.19 -7.65
C ARG B 58 6.94 -18.81 -9.09
N ALA B 59 6.00 -18.93 -10.03
CA ALA B 59 6.25 -18.47 -11.39
C ALA B 59 6.53 -16.98 -11.40
N ARG B 60 5.84 -16.21 -10.57
CA ARG B 60 6.05 -14.74 -10.51
C ARG B 60 7.45 -14.35 -10.01
N GLU B 61 7.94 -15.09 -9.04
CA GLU B 61 9.24 -14.83 -8.47
C GLU B 61 10.39 -15.38 -9.28
N SER B 62 10.10 -16.20 -10.26
CA SER B 62 11.11 -16.83 -11.06
C SER B 62 11.85 -15.96 -12.05
N THR B 63 11.34 -14.78 -12.33
CA THR B 63 11.98 -13.86 -13.24
C THR B 63 11.70 -12.42 -12.88
N ASP B 64 12.38 -11.50 -13.52
CA ASP B 64 12.17 -10.10 -13.25
C ASP B 64 11.07 -9.47 -14.11
N LYS B 65 10.38 -10.29 -14.88
CA LYS B 65 9.30 -9.81 -15.72
C LYS B 65 8.08 -10.68 -15.50
N PRO B 66 7.56 -10.64 -14.30
CA PRO B 66 6.43 -11.51 -13.96
C PRO B 66 5.18 -11.32 -14.85
N LEU B 67 4.96 -10.12 -15.40
CA LEU B 67 3.83 -9.86 -16.30
C LEU B 67 3.96 -10.59 -17.62
N ASP B 68 5.19 -10.77 -18.10
CA ASP B 68 5.43 -11.55 -19.31
C ASP B 68 5.28 -13.05 -19.04
N VAL B 69 5.78 -13.51 -17.88
CA VAL B 69 5.62 -14.90 -17.47
C VAL B 69 4.10 -15.24 -17.38
N ALA B 70 3.35 -14.40 -16.69
CA ALA B 70 1.89 -14.55 -16.57
C ALA B 70 1.20 -14.64 -17.91
N ALA B 71 1.55 -13.76 -18.83
CA ALA B 71 1.00 -13.80 -20.20
C ALA B 71 1.33 -15.11 -20.93
N ALA B 72 2.57 -15.57 -20.73
CA ALA B 72 3.02 -16.82 -21.30
C ALA B 72 2.25 -18.02 -20.75
N ILE B 73 1.92 -17.98 -19.46
CA ILE B 73 1.10 -19.02 -18.86
C ILE B 73 -0.29 -19.07 -19.51
N ALA B 74 -0.96 -17.93 -19.61
CA ALA B 74 -2.25 -17.88 -20.32
C ALA B 74 -2.20 -18.40 -21.77
N TYR B 75 -1.18 -17.98 -22.48
CA TYR B 75 -0.94 -18.36 -23.85
C TYR B 75 -0.73 -19.88 -24.01
N ARG B 76 0.05 -20.48 -23.12
CA ARG B 76 0.29 -21.94 -23.20
C ARG B 76 -0.96 -22.78 -22.83
N LEU B 77 -1.75 -22.32 -21.86
CA LEU B 77 -2.98 -23.00 -21.45
C LEU B 77 -3.96 -22.97 -22.60
N LEU B 78 -4.05 -21.83 -23.27
CA LEU B 78 -4.99 -21.73 -24.41
C LEU B 78 -4.56 -22.56 -25.62
N LEU B 79 -3.33 -22.44 -26.03
CA LEU B 79 -2.84 -23.29 -27.14
C LEU B 79 -2.86 -24.77 -26.81
N GLY B 80 -2.48 -25.13 -25.60
CA GLY B 80 -2.34 -26.54 -25.22
C GLY B 80 -3.69 -27.21 -25.09
N SER B 81 -4.76 -26.43 -24.92
CA SER B 81 -6.14 -26.96 -24.95
C SER B 81 -6.54 -27.45 -26.36
N GLY B 82 -5.87 -26.91 -27.37
CA GLY B 82 -6.15 -27.22 -28.76
C GLY B 82 -7.32 -26.44 -29.34
N LEU B 83 -7.97 -25.58 -28.52
CA LEU B 83 -9.26 -24.96 -28.89
C LEU B 83 -9.17 -23.76 -29.85
N PRO B 84 -8.24 -22.82 -29.63
CA PRO B 84 -8.24 -21.62 -30.49
C PRO B 84 -8.12 -21.96 -31.98
N GLN B 85 -7.19 -22.88 -32.27
CA GLN B 85 -6.89 -23.41 -33.60
C GLN B 85 -8.19 -23.89 -34.26
N LYS B 86 -9.04 -24.60 -33.52
CA LYS B 86 -10.29 -25.16 -34.06
C LYS B 86 -11.35 -24.13 -34.41
N PHE B 87 -11.29 -22.94 -33.79
CA PHE B 87 -12.29 -21.92 -34.01
C PHE B 87 -11.72 -20.74 -34.79
N GLY B 88 -10.64 -20.96 -35.52
CA GLY B 88 -10.14 -19.94 -36.46
C GLY B 88 -9.36 -18.83 -35.82
N CYS B 89 -8.84 -19.03 -34.61
CA CYS B 89 -8.13 -18.01 -33.88
C CYS B 89 -6.64 -18.29 -33.98
N SER B 90 -5.91 -17.44 -34.71
CA SER B 90 -4.49 -17.64 -34.89
C SER B 90 -3.73 -17.42 -33.58
N ASP B 91 -2.50 -17.93 -33.55
CA ASP B 91 -1.62 -17.75 -32.40
C ASP B 91 -1.39 -16.26 -32.11
N GLU B 92 -1.23 -15.47 -33.17
CA GLU B 92 -0.98 -14.05 -33.02
C GLU B 92 -2.18 -13.26 -32.47
N VAL B 93 -3.37 -13.53 -33.00
CA VAL B 93 -4.60 -12.91 -32.51
C VAL B 93 -4.78 -13.26 -31.00
N LEU B 94 -4.59 -14.53 -30.65
CA LEU B 94 -4.67 -14.97 -29.24
C LEU B 94 -3.73 -14.16 -28.36
N LEU B 95 -2.47 -14.07 -28.76
CA LEU B 95 -1.49 -13.36 -27.99
C LEU B 95 -1.81 -11.86 -27.90
N ASN B 96 -2.24 -11.23 -29.00
CA ASN B 96 -2.73 -9.83 -28.96
C ASN B 96 -3.88 -9.64 -27.93
N PHE B 97 -4.84 -10.57 -27.96
CA PHE B 97 -5.93 -10.56 -27.01
C PHE B 97 -5.43 -10.59 -25.56
N ILE B 98 -4.53 -11.52 -25.26
CA ILE B 98 -4.00 -11.65 -23.92
C ILE B 98 -3.33 -10.35 -23.45
N LEU B 99 -2.58 -9.72 -24.36
CA LEU B 99 -1.84 -8.48 -24.05
C LEU B 99 -2.74 -7.26 -23.94
N GLN B 100 -3.81 -7.20 -24.72
CA GLN B 100 -4.82 -6.15 -24.56
C GLN B 100 -5.54 -6.26 -23.21
N CYS B 101 -5.85 -7.49 -22.80
CA CYS B 101 -6.40 -7.72 -21.48
C CYS B 101 -5.42 -7.25 -20.39
N ARG B 102 -4.16 -7.68 -20.50
CA ARG B 102 -3.14 -7.34 -19.52
C ARG B 102 -3.06 -5.82 -19.30
N LYS B 103 -3.11 -5.07 -20.40
CA LYS B 103 -3.06 -3.59 -20.33
C LYS B 103 -4.20 -2.95 -19.52
N LYS B 104 -5.35 -3.62 -19.42
CA LYS B 104 -6.48 -3.06 -18.69
C LYS B 104 -6.57 -3.47 -17.20
N TYR B 105 -5.60 -4.20 -16.68
CA TYR B 105 -5.55 -4.51 -15.23
C TYR B 105 -4.65 -3.48 -14.57
N ARG B 106 -4.98 -3.16 -13.33
CA ARG B 106 -4.27 -2.15 -12.57
C ARG B 106 -3.34 -2.77 -11.56
N ASN B 107 -2.49 -1.94 -10.99
CA ASN B 107 -1.58 -2.39 -9.94
C ASN B 107 -2.27 -2.33 -8.60
N VAL B 108 -3.13 -3.32 -8.35
CA VAL B 108 -3.89 -3.46 -7.11
C VAL B 108 -3.44 -4.78 -6.45
N PRO B 109 -3.62 -4.94 -5.13
CA PRO B 109 -3.00 -6.13 -4.53
C PRO B 109 -3.62 -7.48 -4.92
N TYR B 110 -4.91 -7.48 -5.24
CA TYR B 110 -5.59 -8.78 -5.59
C TYR B 110 -6.20 -8.84 -6.98
N HIS B 111 -7.05 -7.89 -7.33
CA HIS B 111 -7.75 -7.90 -8.63
C HIS B 111 -6.90 -7.37 -9.79
N ASN B 112 -5.76 -7.98 -9.99
CA ASN B 112 -4.76 -7.61 -10.97
C ASN B 112 -4.65 -8.72 -12.03
N PHE B 113 -3.71 -8.60 -12.96
CA PHE B 113 -3.62 -9.58 -14.02
C PHE B 113 -3.36 -11.01 -13.50
N TYR B 114 -2.63 -11.13 -12.38
CA TYR B 114 -2.28 -12.47 -11.83
C TYR B 114 -3.55 -13.21 -11.35
N HIS B 115 -4.53 -12.48 -10.83
CA HIS B 115 -5.80 -13.10 -10.45
C HIS B 115 -6.48 -13.72 -11.69
N VAL B 116 -6.53 -13.02 -12.81
CA VAL B 116 -7.27 -13.56 -13.96
C VAL B 116 -6.54 -14.69 -14.64
N VAL B 117 -5.21 -14.64 -14.64
CA VAL B 117 -4.43 -15.78 -15.11
C VAL B 117 -4.60 -17.00 -14.22
N ASP B 118 -4.67 -16.78 -12.92
CA ASP B 118 -4.94 -17.84 -11.96
C ASP B 118 -6.30 -18.48 -12.19
N VAL B 119 -7.33 -17.63 -12.36
CA VAL B 119 -8.67 -18.14 -12.70
C VAL B 119 -8.69 -18.95 -14.02
N CYS B 120 -7.98 -18.51 -15.05
CA CYS B 120 -7.88 -19.22 -16.33
C CYS B 120 -7.23 -20.62 -16.12
N GLN B 121 -6.10 -20.63 -15.41
CA GLN B 121 -5.40 -21.88 -15.10
C GLN B 121 -6.26 -22.84 -14.26
N THR B 122 -6.98 -22.27 -13.30
CA THR B 122 -7.80 -23.04 -12.37
C THR B 122 -8.99 -23.64 -13.15
N ILE B 123 -9.61 -22.84 -14.02
CA ILE B 123 -10.70 -23.36 -14.87
C ILE B 123 -10.24 -24.51 -15.74
N HIS B 124 -9.06 -24.35 -16.32
CA HIS B 124 -8.47 -25.42 -17.13
C HIS B 124 -8.36 -26.71 -16.31
N THR B 125 -7.92 -26.64 -15.05
CA THR B 125 -7.88 -27.84 -14.21
C THR B 125 -9.27 -28.43 -13.93
N PHE B 126 -10.28 -27.60 -13.68
CA PHE B 126 -11.62 -28.12 -13.46
C PHE B 126 -12.16 -28.80 -14.71
N LEU B 127 -11.91 -28.20 -15.88
CA LEU B 127 -12.37 -28.79 -17.15
C LEU B 127 -11.65 -30.12 -17.44
N TYR B 128 -10.34 -30.13 -17.35
CA TYR B 128 -9.54 -31.23 -17.87
C TYR B 128 -8.95 -32.19 -16.82
N ARG B 129 -8.70 -31.76 -15.58
CA ARG B 129 -8.43 -32.71 -14.50
C ARG B 129 -9.69 -33.15 -13.81
N GLY B 130 -10.67 -32.26 -13.74
CA GLY B 130 -11.97 -32.57 -13.14
C GLY B 130 -13.02 -33.11 -14.09
N ASN B 131 -12.68 -33.22 -15.37
CA ASN B 131 -13.54 -33.79 -16.39
C ASN B 131 -14.83 -33.04 -16.64
N VAL B 132 -14.86 -31.77 -16.25
CA VAL B 132 -16.03 -30.97 -16.50
C VAL B 132 -16.18 -30.66 -18.00
N TYR B 133 -15.11 -30.79 -18.77
CA TYR B 133 -15.24 -30.68 -20.24
C TYR B 133 -16.29 -31.60 -20.85
N GLU B 134 -16.58 -32.75 -20.19
CA GLU B 134 -17.53 -33.71 -20.70
C GLU B 134 -18.95 -33.14 -20.75
N LYS B 135 -19.19 -32.11 -19.95
CA LYS B 135 -20.50 -31.50 -19.83
C LYS B 135 -20.76 -30.39 -20.85
N LEU B 136 -19.72 -29.96 -21.55
CA LEU B 136 -19.77 -28.75 -22.38
C LEU B 136 -19.27 -29.02 -23.79
N THR B 137 -19.67 -28.17 -24.74
CA THR B 137 -19.10 -28.21 -26.07
C THR B 137 -17.65 -27.70 -26.03
N GLU B 138 -16.92 -28.00 -27.08
CA GLU B 138 -15.61 -27.42 -27.24
C GLU B 138 -15.66 -25.88 -27.30
N LEU B 139 -16.66 -25.33 -28.00
CA LEU B 139 -16.83 -23.86 -28.04
C LEU B 139 -17.01 -23.27 -26.66
N GLU B 140 -17.84 -23.89 -25.84
CA GLU B 140 -18.07 -23.45 -24.46
C GLU B 140 -16.80 -23.50 -23.60
N CYS B 141 -15.98 -24.55 -23.76
CA CYS B 141 -14.67 -24.63 -23.08
C CYS B 141 -13.73 -23.46 -23.49
N PHE B 142 -13.69 -23.16 -24.79
CA PHE B 142 -12.90 -22.05 -25.35
C PHE B 142 -13.40 -20.72 -24.79
N VAL B 143 -14.71 -20.54 -24.77
CA VAL B 143 -15.30 -19.31 -24.22
C VAL B 143 -14.96 -19.17 -22.73
N LEU B 144 -15.00 -20.24 -21.96
CA LEU B 144 -14.66 -20.14 -20.54
C LEU B 144 -13.23 -19.67 -20.32
N LEU B 145 -12.30 -20.25 -21.05
CA LEU B 145 -10.91 -19.95 -20.86
C LEU B 145 -10.60 -18.50 -21.23
N ILE B 146 -11.22 -18.02 -22.31
CA ILE B 146 -11.13 -16.62 -22.72
C ILE B 146 -11.80 -15.68 -21.72
N THR B 147 -12.97 -16.06 -21.23
CA THR B 147 -13.74 -15.24 -20.31
C THR B 147 -13.01 -15.02 -18.99
N ALA B 148 -12.28 -16.03 -18.55
CA ALA B 148 -11.47 -15.88 -17.35
C ALA B 148 -10.57 -14.63 -17.44
N LEU B 149 -10.01 -14.38 -18.61
CA LEU B 149 -9.04 -13.29 -18.77
C LEU B 149 -9.67 -11.89 -18.83
N VAL B 150 -10.98 -11.80 -19.16
CA VAL B 150 -11.68 -10.53 -19.18
C VAL B 150 -12.51 -10.22 -17.95
N HIS B 151 -12.66 -11.17 -17.02
CA HIS B 151 -13.80 -11.08 -16.10
C HIS B 151 -13.70 -10.00 -15.02
N ASP B 152 -12.51 -9.41 -14.81
CA ASP B 152 -12.30 -8.34 -13.83
C ASP B 152 -11.61 -7.10 -14.43
N LEU B 153 -11.76 -6.91 -15.71
CA LEU B 153 -11.03 -5.84 -16.41
C LEU B 153 -11.22 -4.46 -15.77
N ASP B 154 -10.09 -3.79 -15.50
CA ASP B 154 -10.09 -2.40 -14.98
C ASP B 154 -10.61 -2.29 -13.55
N HIS B 155 -10.57 -3.40 -12.78
CA HIS B 155 -10.88 -3.37 -11.37
C HIS B 155 -9.89 -2.42 -10.63
N MET B 156 -10.39 -1.62 -9.69
CA MET B 156 -9.47 -0.73 -8.96
C MET B 156 -9.38 -1.08 -7.48
N GLY B 157 -9.79 -2.29 -7.16
CA GLY B 157 -9.77 -2.79 -5.80
C GLY B 157 -10.87 -2.35 -4.87
N LEU B 158 -11.98 -1.92 -5.47
CA LEU B 158 -13.11 -1.42 -4.71
C LEU B 158 -14.33 -2.23 -5.17
N ASN B 159 -15.12 -2.68 -4.21
CA ASN B 159 -16.35 -3.50 -4.54
C ASN B 159 -17.56 -2.67 -4.97
N ASN B 160 -18.63 -3.35 -5.36
CA ASN B 160 -19.79 -2.62 -5.89
C ASN B 160 -20.37 -1.69 -4.86
N SER B 161 -20.39 -2.16 -3.61
CA SER B 161 -20.91 -1.38 -2.51
C SER B 161 -20.21 -0.01 -2.36
N PHE B 162 -18.90 0.01 -2.54
CA PHE B 162 -18.16 1.28 -2.49
C PHE B 162 -18.80 2.35 -3.40
N TYR B 163 -18.98 1.95 -4.66
CA TYR B 163 -19.49 2.87 -5.71
C TYR B 163 -20.89 3.37 -5.35
N LEU B 164 -21.72 2.47 -4.82
CA LEU B 164 -23.11 2.79 -4.46
C LEU B 164 -23.18 3.63 -3.21
N LYS B 165 -22.49 3.24 -2.15
CA LYS B 165 -22.60 3.97 -0.89
C LYS B 165 -21.87 5.35 -0.93
N THR B 166 -20.84 5.53 -1.76
CA THR B 166 -20.23 6.83 -1.88
C THR B 166 -20.89 7.74 -2.97
N GLU B 167 -21.84 7.22 -3.72
CA GLU B 167 -22.40 7.94 -4.89
C GLU B 167 -21.32 8.39 -5.85
N SER B 168 -20.43 7.46 -6.13
CA SER B 168 -19.43 7.67 -7.13
C SER B 168 -20.15 7.69 -8.50
N PRO B 169 -19.63 8.43 -9.50
CA PRO B 169 -20.39 8.52 -10.77
C PRO B 169 -20.79 7.20 -11.44
N LEU B 170 -19.94 6.18 -11.41
CA LEU B 170 -20.35 4.86 -11.93
C LEU B 170 -21.47 4.19 -11.13
N GLY B 171 -21.46 4.40 -9.82
CA GLY B 171 -22.54 4.00 -8.95
C GLY B 171 -23.86 4.70 -9.27
N ILE B 172 -23.77 6.01 -9.53
CA ILE B 172 -24.96 6.82 -9.91
C ILE B 172 -25.56 6.27 -11.23
N LEU B 173 -24.70 6.02 -12.20
CA LEU B 173 -25.13 5.50 -13.49
C LEU B 173 -25.82 4.12 -13.36
N SER B 174 -25.23 3.26 -12.52
CA SER B 174 -25.86 1.95 -12.20
C SER B 174 -27.24 2.05 -11.55
N SER B 175 -27.38 2.92 -10.56
CA SER B 175 -28.67 3.18 -9.95
C SER B 175 -29.70 3.71 -10.95
N ALA B 176 -29.26 4.64 -11.79
CA ALA B 176 -30.15 5.22 -12.79
C ALA B 176 -30.57 4.19 -13.84
N SER B 177 -29.64 3.36 -14.33
CA SER B 177 -29.92 2.45 -15.43
C SER B 177 -30.57 1.12 -15.00
N GLY B 178 -30.67 0.87 -13.70
CA GLY B 178 -31.35 -0.29 -13.12
C GLY B 178 -30.50 -1.55 -12.88
N ASN B 179 -29.17 -1.49 -13.00
CA ASN B 179 -28.37 -2.70 -12.67
C ASN B 179 -27.32 -2.42 -11.60
N THR B 180 -27.42 -3.08 -10.46
CA THR B 180 -26.50 -2.90 -9.32
C THR B 180 -25.12 -3.58 -9.47
N SER B 181 -24.93 -4.38 -10.54
CA SER B 181 -23.63 -4.99 -10.78
C SER B 181 -22.70 -4.00 -11.45
N VAL B 182 -22.28 -2.98 -10.67
CA VAL B 182 -21.48 -1.86 -11.19
C VAL B 182 -20.27 -2.37 -11.93
N LEU B 183 -19.45 -3.18 -11.24
CA LEU B 183 -18.18 -3.60 -11.85
C LEU B 183 -18.36 -4.57 -13.03
N GLU B 184 -19.30 -5.51 -12.89
CA GLU B 184 -19.40 -6.62 -13.85
C GLU B 184 -19.87 -6.11 -15.20
N VAL B 185 -20.78 -5.12 -15.19
CA VAL B 185 -21.17 -4.45 -16.41
C VAL B 185 -19.98 -3.71 -17.06
N HIS B 186 -19.20 -3.03 -16.24
CA HIS B 186 -17.99 -2.35 -16.69
C HIS B 186 -16.97 -3.32 -17.31
N HIS B 187 -16.75 -4.46 -16.65
CA HIS B 187 -15.81 -5.46 -17.21
C HIS B 187 -16.32 -5.93 -18.62
N CYS B 188 -17.63 -6.20 -18.73
CA CYS B 188 -18.24 -6.62 -20.02
C CYS B 188 -18.08 -5.57 -21.11
N ASN B 189 -18.32 -4.32 -20.76
CA ASN B 189 -18.03 -3.23 -21.71
C ASN B 189 -16.63 -3.20 -22.21
N LEU B 190 -15.66 -3.36 -21.33
CA LEU B 190 -14.28 -3.37 -21.79
C LEU B 190 -13.92 -4.62 -22.60
N ALA B 191 -14.49 -5.78 -22.26
CA ALA B 191 -14.25 -7.00 -23.06
C ALA B 191 -14.76 -6.78 -24.51
N VAL B 192 -15.96 -6.22 -24.63
CA VAL B 192 -16.53 -5.92 -25.94
C VAL B 192 -15.59 -4.98 -26.73
N GLU B 193 -15.05 -3.98 -26.04
CA GLU B 193 -14.08 -3.08 -26.65
C GLU B 193 -12.86 -3.79 -27.20
N ILE B 194 -12.25 -4.65 -26.39
CA ILE B 194 -11.05 -5.40 -26.84
C ILE B 194 -11.38 -6.27 -28.09
N LEU B 195 -12.54 -6.93 -28.05
CA LEU B 195 -12.95 -7.83 -29.12
C LEU B 195 -13.39 -7.13 -30.41
N SER B 196 -13.65 -5.82 -30.34
CA SER B 196 -14.07 -5.05 -31.50
C SER B 196 -12.90 -4.83 -32.49
N ASP B 197 -11.67 -4.85 -31.99
CA ASP B 197 -10.48 -4.81 -32.86
C ASP B 197 -10.21 -6.21 -33.44
N PRO B 198 -10.26 -6.37 -34.75
CA PRO B 198 -9.98 -7.65 -35.40
C PRO B 198 -8.64 -8.26 -35.05
N GLU B 199 -7.65 -7.47 -34.68
CA GLU B 199 -6.35 -7.99 -34.31
C GLU B 199 -6.37 -8.70 -32.95
N SER B 200 -7.37 -8.43 -32.14
CA SER B 200 -7.50 -9.11 -30.84
C SER B 200 -8.86 -9.83 -30.70
N ASP B 201 -9.56 -10.04 -31.82
CA ASP B 201 -10.88 -10.67 -31.77
C ASP B 201 -10.77 -12.19 -31.86
N VAL B 202 -10.59 -12.83 -30.70
CA VAL B 202 -10.50 -14.29 -30.66
C VAL B 202 -11.75 -15.04 -31.17
N PHE B 203 -12.86 -14.33 -31.37
CA PHE B 203 -14.11 -14.91 -31.83
C PHE B 203 -14.43 -14.55 -33.31
N ASP B 204 -13.49 -13.93 -33.99
CA ASP B 204 -13.74 -13.47 -35.37
C ASP B 204 -13.85 -14.61 -36.39
N GLY B 205 -13.18 -15.73 -36.12
CA GLY B 205 -13.39 -16.95 -36.86
C GLY B 205 -14.74 -17.65 -36.69
N LEU B 206 -15.64 -17.11 -35.87
CA LEU B 206 -16.95 -17.71 -35.68
C LEU B 206 -17.99 -16.97 -36.52
N GLU B 207 -19.12 -17.65 -36.78
CA GLU B 207 -20.20 -17.07 -37.59
C GLU B 207 -21.54 -17.40 -37.00
N GLY B 208 -22.52 -16.59 -37.33
CA GLY B 208 -23.90 -16.95 -37.07
C GLY B 208 -24.13 -17.27 -35.61
N ALA B 209 -24.83 -18.38 -35.36
CA ALA B 209 -25.24 -18.71 -34.01
C ALA B 209 -24.07 -19.00 -33.05
N GLU B 210 -22.95 -19.51 -33.56
CA GLU B 210 -21.76 -19.73 -32.73
C GLU B 210 -21.16 -18.41 -32.22
N ARG B 211 -21.05 -17.43 -33.10
CA ARG B 211 -20.52 -16.11 -32.69
C ARG B 211 -21.43 -15.47 -31.64
N THR B 212 -22.74 -15.60 -31.82
CA THR B 212 -23.69 -15.05 -30.88
C THR B 212 -23.56 -15.74 -29.54
N LEU B 213 -23.48 -17.07 -29.55
CA LEU B 213 -23.35 -17.82 -28.29
C LEU B 213 -22.06 -17.44 -27.57
N ALA B 214 -20.97 -17.24 -28.30
CA ALA B 214 -19.72 -16.88 -27.70
C ALA B 214 -19.82 -15.57 -26.89
N PHE B 215 -20.39 -14.54 -27.51
CA PHE B 215 -20.58 -13.26 -26.85
C PHE B 215 -21.61 -13.33 -25.71
N ARG B 216 -22.73 -13.97 -25.95
CA ARG B 216 -23.75 -14.03 -24.93
C ARG B 216 -23.31 -14.87 -23.71
N SER B 217 -22.65 -15.98 -23.96
CA SER B 217 -22.21 -16.83 -22.85
C SER B 217 -21.11 -16.12 -22.08
N MET B 218 -20.18 -15.44 -22.76
CA MET B 218 -19.12 -14.66 -22.08
C MET B 218 -19.74 -13.62 -21.12
N ILE B 219 -20.68 -12.85 -21.65
CA ILE B 219 -21.35 -11.80 -20.91
C ILE B 219 -22.17 -12.40 -19.74
N ASP B 220 -22.97 -13.44 -19.98
CA ASP B 220 -23.72 -14.13 -18.90
C ASP B 220 -22.79 -14.58 -17.77
N CYS B 221 -21.69 -15.21 -18.12
CA CYS B 221 -20.71 -15.64 -17.13
C CYS B 221 -20.10 -14.46 -16.33
N VAL B 222 -19.65 -13.40 -17.01
CA VAL B 222 -19.09 -12.27 -16.26
C VAL B 222 -20.14 -11.67 -15.31
N LEU B 223 -21.37 -11.49 -15.80
CA LEU B 223 -22.43 -10.94 -14.94
C LEU B 223 -22.74 -11.82 -13.74
N ALA B 224 -22.56 -13.14 -13.87
CA ALA B 224 -22.85 -14.08 -12.80
C ALA B 224 -21.78 -14.11 -11.70
N THR B 225 -20.64 -13.43 -11.91
CA THR B 225 -19.57 -13.35 -10.90
C THR B 225 -19.84 -12.34 -9.79
N ASP B 226 -20.89 -11.53 -9.90
CA ASP B 226 -21.26 -10.64 -8.80
C ASP B 226 -21.71 -11.48 -7.61
N MET B 227 -20.98 -11.44 -6.51
CA MET B 227 -21.30 -12.31 -5.34
C MET B 227 -22.63 -11.98 -4.66
N ALA B 228 -23.19 -10.82 -4.97
CA ALA B 228 -24.53 -10.52 -4.50
C ALA B 228 -25.56 -11.44 -5.13
N LYS B 229 -25.22 -12.08 -6.24
CA LYS B 229 -26.08 -13.00 -6.94
C LYS B 229 -25.67 -14.45 -6.73
N HIS B 230 -24.80 -14.70 -5.79
CA HIS B 230 -24.26 -16.01 -5.57
C HIS B 230 -25.26 -17.12 -5.33
N GLY B 231 -26.17 -16.91 -4.39
CA GLY B 231 -27.14 -17.91 -4.06
C GLY B 231 -28.04 -18.28 -5.17
N SER B 232 -28.58 -17.31 -5.86
CA SER B 232 -29.44 -17.56 -7.00
C SER B 232 -28.75 -18.26 -8.19
N ALA B 233 -27.46 -17.97 -8.41
CA ALA B 233 -26.72 -18.67 -9.49
C ALA B 233 -26.56 -20.16 -9.12
N LEU B 234 -26.21 -20.41 -7.87
CA LEU B 234 -26.04 -21.76 -7.36
C LEU B 234 -27.33 -22.54 -7.38
N GLU B 235 -28.44 -21.89 -7.01
CA GLU B 235 -29.74 -22.56 -7.02
C GLU B 235 -30.16 -22.93 -8.42
N ALA B 236 -30.04 -21.97 -9.34
CA ALA B 236 -30.36 -22.20 -10.74
C ALA B 236 -29.48 -23.31 -11.36
N PHE B 237 -28.21 -23.40 -10.99
CA PHE B 237 -27.39 -24.53 -11.46
C PHE B 237 -27.90 -25.86 -10.89
N LEU B 238 -28.10 -25.90 -9.58
CA LEU B 238 -28.54 -27.14 -8.94
C LEU B 238 -29.87 -27.62 -9.50
N ALA B 239 -30.77 -26.70 -9.82
CA ALA B 239 -32.04 -27.02 -10.49
C ALA B 239 -31.82 -27.54 -11.90
N SER B 240 -30.97 -26.89 -12.67
CA SER B 240 -30.69 -27.33 -14.02
C SER B 240 -30.05 -28.71 -14.10
N ALA B 241 -29.31 -29.11 -13.05
CA ALA B 241 -28.53 -30.36 -13.02
C ALA B 241 -29.36 -31.55 -12.59
N ALA B 242 -30.37 -31.29 -11.78
CA ALA B 242 -31.32 -32.31 -11.38
C ALA B 242 -32.38 -32.53 -12.46
N ASP B 243 -32.29 -31.79 -13.57
CA ASP B 243 -33.18 -31.98 -14.71
C ASP B 243 -32.52 -31.44 -16.00
N GLN B 244 -31.48 -32.14 -16.45
CA GLN B 244 -30.62 -31.71 -17.57
C GLN B 244 -31.31 -31.91 -18.93
N SER B 245 -31.91 -33.08 -19.13
CA SER B 245 -32.59 -33.40 -20.40
C SER B 245 -33.83 -32.53 -20.65
N SER B 246 -34.53 -32.15 -19.58
CA SER B 246 -35.63 -31.20 -19.67
C SER B 246 -35.22 -29.90 -20.39
N ASP B 247 -34.00 -29.41 -20.12
CA ASP B 247 -33.49 -28.23 -20.81
C ASP B 247 -31.95 -28.24 -20.87
N GLU B 248 -31.42 -28.87 -21.92
CA GLU B 248 -29.97 -29.00 -22.10
C GLU B 248 -29.28 -27.66 -22.22
N ALA B 249 -29.86 -26.74 -23.00
CA ALA B 249 -29.24 -25.42 -23.19
C ALA B 249 -29.03 -24.65 -21.87
N ALA B 250 -30.06 -24.68 -21.02
CA ALA B 250 -29.97 -24.11 -19.68
C ALA B 250 -28.86 -24.72 -18.85
N PHE B 251 -28.76 -26.05 -18.90
CA PHE B 251 -27.76 -26.76 -18.11
C PHE B 251 -26.35 -26.38 -18.58
N HIS B 252 -26.15 -26.33 -19.88
CA HIS B 252 -24.86 -25.86 -20.43
C HIS B 252 -24.54 -24.45 -19.93
N ARG B 253 -25.50 -23.54 -20.03
CA ARG B 253 -25.22 -22.14 -19.68
C ARG B 253 -24.88 -22.02 -18.18
N MET B 254 -25.65 -22.71 -17.36
CA MET B 254 -25.45 -22.65 -15.91
C MET B 254 -24.17 -23.33 -15.45
N THR B 255 -23.78 -24.40 -16.13
CA THR B 255 -22.50 -25.04 -15.89
C THR B 255 -21.35 -24.06 -16.19
N MET B 256 -21.41 -23.32 -17.28
CA MET B 256 -20.38 -22.30 -17.58
C MET B 256 -20.34 -21.23 -16.46
N GLU B 257 -21.49 -20.73 -16.08
CA GLU B 257 -21.55 -19.72 -15.04
C GLU B 257 -20.97 -20.24 -13.73
N ILE B 258 -21.32 -21.47 -13.40
CA ILE B 258 -20.84 -22.06 -12.17
C ILE B 258 -19.32 -22.32 -12.17
N ILE B 259 -18.77 -22.66 -13.32
CA ILE B 259 -17.35 -22.94 -13.42
C ILE B 259 -16.54 -21.63 -13.28
N LEU B 260 -17.00 -20.57 -13.91
CA LEU B 260 -16.32 -19.29 -13.74
C LEU B 260 -16.39 -18.83 -12.29
N LYS B 261 -17.57 -18.93 -11.68
CA LYS B 261 -17.72 -18.70 -10.24
C LYS B 261 -16.78 -19.54 -9.39
N ALA B 262 -16.72 -20.84 -9.69
CA ALA B 262 -15.84 -21.75 -8.98
C ALA B 262 -14.36 -21.33 -9.07
N GLY B 263 -13.92 -20.97 -10.28
CA GLY B 263 -12.57 -20.41 -10.47
C GLY B 263 -12.36 -19.16 -9.65
N ASP B 264 -13.38 -18.32 -9.57
CA ASP B 264 -13.29 -17.06 -8.85
C ASP B 264 -13.12 -17.25 -7.35
N ILE B 265 -13.75 -18.28 -6.78
CA ILE B 265 -13.59 -18.53 -5.35
C ILE B 265 -12.71 -19.76 -5.05
N SER B 266 -11.83 -20.10 -5.97
CA SER B 266 -10.96 -21.26 -5.87
C SER B 266 -9.72 -21.14 -4.99
N ASN B 267 -9.41 -19.95 -4.46
CA ASN B 267 -8.14 -19.75 -3.74
C ASN B 267 -8.02 -20.74 -2.55
N VAL B 268 -9.15 -21.00 -1.89
CA VAL B 268 -9.18 -21.91 -0.77
C VAL B 268 -9.05 -23.40 -1.15
N THR B 269 -8.99 -23.72 -2.45
CA THR B 269 -8.85 -25.12 -2.91
C THR B 269 -7.41 -25.47 -3.27
N LYS B 270 -6.47 -24.54 -3.06
CA LYS B 270 -5.10 -24.73 -3.46
C LYS B 270 -4.27 -25.23 -2.27
N PRO B 271 -3.07 -25.77 -2.57
CA PRO B 271 -2.12 -26.09 -1.50
C PRO B 271 -1.95 -24.91 -0.54
N PHE B 272 -1.87 -25.21 0.77
CA PHE B 272 -1.98 -24.20 1.80
C PHE B 272 -1.11 -22.98 1.61
N ASP B 273 0.15 -23.16 1.24
CA ASP B 273 1.04 -22.00 1.11
C ASP B 273 0.59 -21.05 0.00
N ILE B 274 0.08 -21.59 -1.10
CA ILE B 274 -0.52 -20.78 -2.18
C ILE B 274 -1.78 -20.05 -1.66
N SER B 275 -2.65 -20.80 -0.99
CA SER B 275 -3.91 -20.31 -0.49
C SER B 275 -3.69 -19.12 0.50
N ARG B 276 -2.72 -19.29 1.40
CA ARG B 276 -2.35 -18.24 2.33
C ARG B 276 -1.89 -16.97 1.62
N GLN B 277 -1.10 -17.09 0.58
CA GLN B 277 -0.65 -15.93 -0.13
C GLN B 277 -1.82 -15.17 -0.83
N TRP B 278 -2.78 -15.89 -1.42
CA TRP B 278 -4.01 -15.23 -1.94
C TRP B 278 -4.73 -14.50 -0.81
N ALA B 279 -4.84 -15.15 0.36
CA ALA B 279 -5.55 -14.57 1.49
C ALA B 279 -4.90 -13.23 1.98
N MET B 280 -3.58 -13.20 2.02
CA MET B 280 -2.86 -11.95 2.36
C MET B 280 -3.16 -10.83 1.34
N ALA B 281 -3.18 -11.19 0.04
CA ALA B 281 -3.40 -10.23 -1.05
C ALA B 281 -4.83 -9.67 -1.01
N VAL B 282 -5.84 -10.54 -0.80
CA VAL B 282 -7.21 -10.05 -0.73
C VAL B 282 -7.43 -9.18 0.52
N THR B 283 -6.81 -9.55 1.63
CA THR B 283 -6.93 -8.82 2.88
C THR B 283 -6.43 -7.37 2.74
N GLU B 284 -5.29 -7.23 2.12
CA GLU B 284 -4.68 -5.92 1.86
C GLU B 284 -5.59 -5.09 0.96
N GLU B 285 -6.20 -5.72 -0.06
CA GLU B 285 -7.14 -4.98 -0.91
C GLU B 285 -8.35 -4.50 -0.14
N PHE B 286 -8.92 -5.36 0.68
CA PHE B 286 -10.04 -4.96 1.49
C PHE B 286 -9.71 -3.80 2.43
N TYR B 287 -8.54 -3.87 3.05
CA TYR B 287 -8.15 -2.81 3.98
C TYR B 287 -7.93 -1.48 3.23
N ARG B 288 -7.39 -1.53 2.03
CA ARG B 288 -7.29 -0.33 1.19
C ARG B 288 -8.64 0.26 0.79
N GLN B 289 -9.67 -0.59 0.59
CA GLN B 289 -11.00 -0.05 0.40
C GLN B 289 -11.47 0.67 1.65
N GLY B 290 -11.25 0.06 2.81
CA GLY B 290 -11.58 0.72 4.05
C GLY B 290 -10.90 2.08 4.21
N ASP B 291 -9.62 2.16 3.88
CA ASP B 291 -8.87 3.45 3.89
C ASP B 291 -9.54 4.50 3.00
N MET B 292 -9.96 4.11 1.80
CA MET B 292 -10.68 5.02 0.92
C MET B 292 -12.04 5.41 1.46
N GLU B 293 -12.74 4.50 2.13
CA GLU B 293 -14.01 4.81 2.77
C GLU B 293 -13.84 5.83 3.90
N LYS B 294 -12.81 5.68 4.71
CA LYS B 294 -12.48 6.69 5.74
C LYS B 294 -12.26 8.07 5.07
N GLU B 295 -11.47 8.09 4.00
CA GLU B 295 -11.26 9.32 3.19
C GLU B 295 -12.55 9.98 2.67
N ARG B 296 -13.52 9.18 2.24
CA ARG B 296 -14.84 9.68 1.84
C ARG B 296 -15.81 9.94 3.00
N GLY B 297 -15.42 9.66 4.24
CA GLY B 297 -16.34 9.77 5.38
C GLY B 297 -17.58 8.88 5.34
N VAL B 298 -17.46 7.64 4.88
CA VAL B 298 -18.58 6.72 4.90
C VAL B 298 -18.25 5.58 5.87
N GLU B 299 -19.28 4.81 6.22
CA GLU B 299 -19.14 3.67 7.13
C GLU B 299 -18.16 2.63 6.62
N VAL B 300 -17.28 2.15 7.50
CA VAL B 300 -16.36 1.04 7.20
C VAL B 300 -16.81 -0.24 7.94
N LEU B 301 -17.07 -1.31 7.21
CA LEU B 301 -17.41 -2.59 7.87
C LEU B 301 -16.15 -3.14 8.56
N PRO B 302 -16.29 -3.84 9.69
CA PRO B 302 -15.08 -4.23 10.47
C PRO B 302 -14.00 -5.04 9.71
N MET B 303 -14.41 -5.90 8.79
CA MET B 303 -13.46 -6.69 7.98
C MET B 303 -12.73 -5.89 6.90
N PHE B 304 -13.17 -4.65 6.64
CA PHE B 304 -12.43 -3.72 5.81
C PHE B 304 -11.60 -2.74 6.65
N ASP B 305 -11.66 -2.85 7.98
CA ASP B 305 -11.14 -1.83 8.92
C ASP B 305 -9.82 -2.31 9.54
N ARG B 306 -8.74 -1.80 8.97
CA ARG B 306 -7.37 -2.06 9.40
C ARG B 306 -7.06 -1.77 10.88
N SER B 307 -7.87 -0.96 11.51
CA SER B 307 -7.65 -0.64 12.89
C SER B 307 -8.12 -1.69 13.88
N LYS B 308 -8.80 -2.72 13.41
CA LYS B 308 -9.27 -3.78 14.27
C LYS B 308 -8.28 -4.93 14.32
N ASN B 309 -7.25 -4.87 13.51
CA ASN B 309 -6.21 -5.89 13.50
C ASN B 309 -6.64 -7.34 13.39
N MET B 310 -7.86 -7.60 12.95
CA MET B 310 -8.37 -8.95 12.83
C MET B 310 -7.35 -9.96 12.29
N GLU B 311 -7.56 -11.25 12.59
CA GLU B 311 -6.63 -12.32 12.17
C GLU B 311 -7.00 -12.91 10.81
N LEU B 312 -5.98 -13.09 9.99
CA LEU B 312 -6.12 -13.68 8.65
C LEU B 312 -6.87 -15.04 8.69
N ALA B 313 -6.52 -15.89 9.68
CA ALA B 313 -7.08 -17.24 9.81
C ALA B 313 -8.56 -17.24 10.11
N LYS B 314 -9.02 -16.35 10.99
CA LYS B 314 -10.45 -16.22 11.26
C LYS B 314 -11.28 -15.90 10.02
N GLY B 315 -10.77 -14.99 9.18
CA GLY B 315 -11.47 -14.64 7.97
C GLY B 315 -11.58 -15.83 7.00
N GLN B 316 -10.48 -16.56 6.83
CA GLN B 316 -10.45 -17.71 5.92
C GLN B 316 -11.37 -18.84 6.38
N ILE B 317 -11.38 -19.13 7.69
CA ILE B 317 -12.29 -20.14 8.23
C ILE B 317 -13.73 -19.73 8.02
N GLY B 318 -14.04 -18.46 8.25
CA GLY B 318 -15.39 -17.95 7.99
C GLY B 318 -15.79 -18.04 6.53
N PHE B 319 -14.90 -17.64 5.64
CA PHE B 319 -15.22 -17.72 4.21
C PHE B 319 -15.44 -19.20 3.81
N ILE B 320 -14.57 -20.06 4.34
CA ILE B 320 -14.73 -21.53 4.13
C ILE B 320 -16.12 -22.03 4.62
N ASP B 321 -16.45 -21.74 5.86
CA ASP B 321 -17.67 -22.27 6.50
C ASP B 321 -18.97 -21.77 5.91
N PHE B 322 -19.05 -20.45 5.68
CA PHE B 322 -20.28 -19.84 5.19
C PHE B 322 -20.39 -19.80 3.67
N VAL B 323 -19.28 -19.80 2.93
CA VAL B 323 -19.34 -19.62 1.47
C VAL B 323 -18.76 -20.78 0.68
N ALA B 324 -17.47 -21.03 0.85
CA ALA B 324 -16.76 -21.88 -0.10
C ALA B 324 -17.00 -23.40 0.07
N ALA B 325 -16.96 -23.92 1.30
CA ALA B 325 -17.19 -25.37 1.50
C ALA B 325 -18.59 -25.78 1.08
N PRO B 326 -19.63 -25.03 1.46
CA PRO B 326 -20.93 -25.42 0.96
C PRO B 326 -21.07 -25.34 -0.58
N PHE B 327 -20.45 -24.35 -1.22
CA PHE B 327 -20.53 -24.22 -2.66
C PHE B 327 -19.88 -25.41 -3.36
N PHE B 328 -18.64 -25.72 -2.99
CA PHE B 328 -17.89 -26.81 -3.63
C PHE B 328 -18.53 -28.17 -3.33
N GLN B 329 -19.05 -28.34 -2.11
CA GLN B 329 -19.70 -29.61 -1.78
C GLN B 329 -20.94 -29.84 -2.64
N LYS B 330 -21.74 -28.79 -2.79
CA LYS B 330 -23.01 -28.90 -3.47
C LYS B 330 -22.83 -29.14 -4.96
N ILE B 331 -21.90 -28.43 -5.58
CA ILE B 331 -21.69 -28.65 -7.01
C ILE B 331 -21.06 -30.02 -7.30
N VAL B 332 -20.17 -30.48 -6.43
CA VAL B 332 -19.52 -31.78 -6.57
C VAL B 332 -20.59 -32.85 -6.43
N ASP B 333 -21.40 -32.76 -5.39
CA ASP B 333 -22.48 -33.73 -5.15
C ASP B 333 -23.53 -33.77 -6.24
N ALA B 334 -23.94 -32.60 -6.74
CA ALA B 334 -25.02 -32.53 -7.71
C ALA B 334 -24.61 -33.09 -9.06
N CYS B 335 -23.33 -33.10 -9.39
CA CYS B 335 -22.96 -33.19 -10.77
C CYS B 335 -21.45 -33.35 -11.04
N LEU B 336 -20.64 -32.50 -10.43
CA LEU B 336 -19.23 -32.39 -10.83
C LEU B 336 -18.33 -33.25 -9.96
N GLN B 337 -18.55 -34.58 -10.05
CA GLN B 337 -17.88 -35.56 -9.21
C GLN B 337 -16.39 -35.54 -9.35
N GLY B 338 -15.91 -35.24 -10.55
CA GLY B 338 -14.48 -35.17 -10.78
C GLY B 338 -13.75 -34.08 -10.04
N MET B 339 -14.47 -33.10 -9.50
CA MET B 339 -13.84 -31.99 -8.74
C MET B 339 -13.81 -32.26 -7.22
N GLN B 340 -13.92 -33.53 -6.81
CA GLN B 340 -13.87 -33.89 -5.39
C GLN B 340 -12.63 -33.37 -4.68
N TRP B 341 -11.47 -33.32 -5.34
CA TRP B 341 -10.28 -32.81 -4.69
C TRP B 341 -10.43 -31.39 -4.07
N THR B 342 -11.36 -30.59 -4.59
CA THR B 342 -11.55 -29.22 -4.13
C THR B 342 -12.12 -29.26 -2.71
N VAL B 343 -13.06 -30.16 -2.50
CA VAL B 343 -13.69 -30.36 -1.22
C VAL B 343 -12.65 -30.89 -0.21
N ASP B 344 -11.78 -31.81 -0.64
CA ASP B 344 -10.79 -32.40 0.22
C ASP B 344 -9.78 -31.32 0.62
N ARG B 345 -9.31 -30.50 -0.32
CA ARG B 345 -8.32 -29.48 0.00
C ARG B 345 -8.89 -28.34 0.87
N ILE B 346 -10.16 -28.01 0.67
CA ILE B 346 -10.80 -27.02 1.51
C ILE B 346 -10.76 -27.51 2.97
N LYS B 347 -11.13 -28.77 3.19
CA LYS B 347 -11.08 -29.35 4.52
C LYS B 347 -9.72 -29.31 5.15
N SER B 348 -8.71 -29.73 4.39
CA SER B 348 -7.35 -29.73 4.83
C SER B 348 -6.85 -28.28 5.18
N ASN B 349 -7.20 -27.29 4.34
CA ASN B 349 -6.81 -25.92 4.63
C ASN B 349 -7.50 -25.35 5.88
N ARG B 350 -8.76 -25.68 6.08
CA ARG B 350 -9.46 -25.21 7.25
C ARG B 350 -8.76 -25.72 8.52
N ALA B 351 -8.33 -26.99 8.49
CA ALA B 351 -7.61 -27.56 9.65
C ALA B 351 -6.28 -26.86 9.87
N GLN B 352 -5.56 -26.58 8.77
CA GLN B 352 -4.34 -25.82 8.84
C GLN B 352 -4.48 -24.37 9.39
N TRP B 353 -5.57 -23.70 9.03
CA TRP B 353 -5.89 -22.39 9.66
C TRP B 353 -6.22 -22.51 11.16
N GLU B 354 -6.91 -23.57 11.55
CA GLU B 354 -7.21 -23.81 12.97
C GLU B 354 -5.91 -23.99 13.78
N ARG B 355 -4.91 -24.60 13.17
CA ARG B 355 -3.60 -24.74 13.79
C ARG B 355 -2.79 -23.45 13.84
N VAL B 356 -2.93 -22.60 12.83
CA VAL B 356 -2.34 -21.27 12.87
C VAL B 356 -2.93 -20.49 14.06
N LEU B 357 -4.24 -20.66 14.29
CA LEU B 357 -4.92 -19.97 15.40
C LEU B 357 -4.44 -20.36 16.79
N GLU B 358 -4.06 -21.62 16.98
CA GLU B 358 -3.63 -22.09 18.30
C GLU B 358 -2.13 -21.90 18.54
N THR B 359 -1.45 -21.12 17.68
CA THR B 359 -0.09 -20.66 17.92
C THR B 359 0.03 -19.17 17.56
#